data_5PZR
#
_entry.id   5PZR
#
_cell.length_a   67.306
_cell.length_b   83.148
_cell.length_c   277.665
_cell.angle_alpha   90.000
_cell.angle_beta   90.000
_cell.angle_gamma   90.000
#
_symmetry.space_group_name_H-M   'P 21 21 21'
#
loop_
_entity.id
_entity.type
_entity.pdbx_description
1 polymer 'Fructose-1,6-bisphosphatase 1'
2 non-polymer "N,N'-{oxybis[(propane-3,1-diyl)carbamoyl]}bis(3-chlorobenzene-1-sulfonamide)"
3 water water
#
_entity_poly.entity_id   1
_entity_poly.type   'polypeptide(L)'
_entity_poly.pdbx_seq_one_letter_code
;MADQAPFDTDVNTLTRFVMEEGRKARGTGELTQLLNSLCTAVKAISSAVRKAGIAHLYGIAGSTNVTGDQVKKLDVLSND
LVMNMLKSSFATCVLVSEEDKHAIIVEPEKRGKYVVCFDPLDGSSNIDCLVSVGTIFGIYRKKSTDEPSEKDALQPGRNL
VAAGYALYGSATMLVLAMDCGVNCFMLDPAIGEFILVDKDVKIKKKGKIYSLNEGYAKDFDPAVTEYIQRKKFPPDNSAP
YGARYVGSMVADVHRTLVYGGIFLYPANKKSPNGKLRLLYECNPMAYVMEKAGGMATTGKEAVLDVIPTDIHQRAPVILG
SPDDVLEFLKVYEKHSAQ
;
_entity_poly.pdbx_strand_id   A,B,C,D
#
# COMPACT_ATOMS: atom_id res chain seq x y z
N ASP A 10 9.64 -20.57 -12.61
CA ASP A 10 8.55 -19.65 -12.94
C ASP A 10 7.79 -19.21 -11.70
N VAL A 11 7.42 -17.93 -11.67
CA VAL A 11 6.64 -17.41 -10.55
C VAL A 11 5.33 -18.17 -10.45
N ASN A 12 4.88 -18.40 -9.23
CA ASN A 12 3.64 -19.10 -9.02
C ASN A 12 2.89 -18.38 -7.90
N THR A 13 1.63 -18.11 -8.14
CA THR A 13 0.76 -17.46 -7.16
C THR A 13 -0.22 -18.49 -6.61
N LEU A 14 -0.82 -18.14 -5.48
CA LEU A 14 -1.80 -19.04 -4.89
C LEU A 14 -2.89 -19.41 -5.89
N THR A 15 -3.45 -18.39 -6.56
CA THR A 15 -4.52 -18.62 -7.53
C THR A 15 -4.06 -19.57 -8.65
N ARG A 16 -2.89 -19.30 -9.23
CA ARG A 16 -2.40 -20.17 -10.30
C ARG A 16 -2.14 -21.58 -9.80
N PHE A 17 -1.58 -21.70 -8.60
CA PHE A 17 -1.27 -23.00 -8.01
C PHE A 17 -2.52 -23.86 -7.86
N VAL A 18 -3.58 -23.28 -7.29
CA VAL A 18 -4.78 -24.10 -7.02
C VAL A 18 -5.48 -24.48 -8.32
N MET A 19 -5.53 -23.57 -9.30
CA MET A 19 -6.09 -23.92 -10.60
C MET A 19 -5.38 -25.12 -11.21
N GLU A 20 -4.05 -25.15 -11.10
CA GLU A 20 -3.28 -26.22 -11.70
C GLU A 20 -3.41 -27.53 -10.92
N GLU A 21 -3.47 -27.45 -9.59
CA GLU A 21 -3.76 -28.64 -8.81
C GLU A 21 -5.16 -29.16 -9.15
N GLY A 22 -6.10 -28.25 -9.40
CA GLY A 22 -7.45 -28.68 -9.76
C GLY A 22 -7.54 -29.32 -11.13
N ARG A 23 -6.83 -28.77 -12.12
CA ARG A 23 -6.85 -29.38 -13.44
C ARG A 23 -6.22 -30.77 -13.41
N LYS A 24 -5.15 -30.94 -12.61
CA LYS A 24 -4.58 -32.26 -12.39
C LYS A 24 -5.62 -33.24 -11.87
N ALA A 25 -6.42 -32.80 -10.90
CA ALA A 25 -7.42 -33.67 -10.29
C ALA A 25 -8.71 -33.74 -11.11
N ARG A 26 -8.78 -33.01 -12.22
CA ARG A 26 -9.97 -32.97 -13.07
C ARG A 26 -11.18 -32.45 -12.28
N GLY A 27 -10.94 -31.50 -11.37
CA GLY A 27 -12.01 -30.95 -10.55
C GLY A 27 -12.84 -29.90 -11.27
N THR A 28 -14.01 -29.62 -10.71
CA THR A 28 -14.93 -28.65 -11.29
C THR A 28 -14.58 -27.21 -10.95
N GLY A 29 -13.58 -26.97 -10.08
CA GLY A 29 -13.19 -25.64 -9.70
C GLY A 29 -13.84 -25.10 -8.43
N GLU A 30 -14.73 -25.87 -7.80
CA GLU A 30 -15.46 -25.34 -6.64
C GLU A 30 -14.54 -25.08 -5.46
N LEU A 31 -13.61 -26.00 -5.19
CA LEU A 31 -12.67 -25.78 -4.10
C LEU A 31 -11.75 -24.60 -4.39
N THR A 32 -11.35 -24.43 -5.65
CA THR A 32 -10.56 -23.25 -6.03
C THR A 32 -11.33 -21.96 -5.78
N GLN A 33 -12.64 -21.94 -6.07
CA GLN A 33 -13.44 -20.76 -5.76
C GLN A 33 -13.48 -20.49 -4.26
N LEU A 34 -13.65 -21.53 -3.45
CA LEU A 34 -13.57 -21.35 -2.00
C LEU A 34 -12.23 -20.73 -1.61
N LEU A 35 -11.12 -21.32 -2.09
CA LEU A 35 -9.80 -20.86 -1.66
C LEU A 35 -9.52 -19.44 -2.15
N ASN A 36 -9.96 -19.11 -3.37
CA ASN A 36 -9.86 -17.73 -3.85
C ASN A 36 -10.61 -16.78 -2.93
N SER A 37 -11.85 -17.12 -2.57
CA SER A 37 -12.61 -16.25 -1.69
C SER A 37 -11.92 -16.11 -0.34
N LEU A 38 -11.36 -17.21 0.16
CA LEU A 38 -10.66 -17.17 1.44
C LEU A 38 -9.43 -16.27 1.35
N CYS A 39 -8.71 -16.32 0.22
CA CYS A 39 -7.53 -15.48 0.07
C CYS A 39 -7.89 -14.01 0.02
N THR A 40 -9.00 -13.67 -0.63
CA THR A 40 -9.46 -12.28 -0.63
C THR A 40 -9.74 -11.80 0.79
N ALA A 41 -10.45 -12.62 1.59
CA ALA A 41 -10.71 -12.23 2.98
C ALA A 41 -9.41 -12.06 3.76
N VAL A 42 -8.44 -12.96 3.54
CA VAL A 42 -7.18 -12.90 4.28
C VAL A 42 -6.40 -11.63 3.96
N LYS A 43 -6.35 -11.25 2.67
CA LYS A 43 -5.69 -9.99 2.33
C LYS A 43 -6.40 -8.81 2.98
N ALA A 44 -7.72 -8.87 3.08
CA ALA A 44 -8.45 -7.81 3.75
C ALA A 44 -8.18 -7.83 5.24
N ILE A 45 -8.10 -9.01 5.84
CA ILE A 45 -7.74 -9.07 7.25
C ILE A 45 -6.34 -8.49 7.45
N SER A 46 -5.38 -8.89 6.62
CA SER A 46 -4.02 -8.39 6.73
C SER A 46 -3.98 -6.87 6.69
N SER A 47 -4.70 -6.30 5.73
CA SER A 47 -4.74 -4.84 5.61
C SER A 47 -5.21 -4.19 6.90
N ALA A 48 -6.29 -4.72 7.49
CA ALA A 48 -6.84 -4.13 8.71
C ALA A 48 -5.91 -4.35 9.89
N VAL A 49 -5.28 -5.52 9.95
CA VAL A 49 -4.39 -5.85 11.05
C VAL A 49 -3.15 -4.95 11.03
N ARG A 50 -2.63 -4.64 9.85
CA ARG A 50 -1.52 -3.71 9.76
C ARG A 50 -1.95 -2.25 9.91
N LYS A 51 -3.25 -2.00 10.18
CA LYS A 51 -3.77 -0.69 10.58
C LYS A 51 -3.82 0.31 9.41
N ALA A 52 -4.00 -0.18 8.20
CA ALA A 52 -4.32 0.70 7.08
C ALA A 52 -5.56 1.51 7.41
N GLY A 53 -5.46 2.83 7.29
CA GLY A 53 -6.59 3.68 7.58
C GLY A 53 -6.77 4.07 9.03
N ILE A 54 -5.88 3.62 9.92
CA ILE A 54 -6.02 3.92 11.35
C ILE A 54 -6.08 5.43 11.57
N ALA A 55 -5.49 6.23 10.67
CA ALA A 55 -5.55 7.69 10.80
C ALA A 55 -6.97 8.21 10.80
N HIS A 56 -7.89 7.54 10.08
CA HIS A 56 -9.27 7.99 10.08
C HIS A 56 -9.92 7.78 11.43
N LEU A 57 -9.52 6.74 12.17
CA LEU A 57 -10.03 6.56 13.53
C LEU A 57 -9.57 7.66 14.48
N TYR A 58 -8.43 8.28 14.19
CA TYR A 58 -7.87 9.28 15.10
C TYR A 58 -8.09 10.70 14.61
N GLY A 59 -9.03 10.91 13.68
CA GLY A 59 -9.50 12.23 13.35
C GLY A 59 -8.77 12.97 12.25
N ILE A 60 -8.03 12.27 11.38
CA ILE A 60 -7.33 12.97 10.31
C ILE A 60 -8.28 13.78 9.45
N ALA A 61 -9.52 13.32 9.27
CA ALA A 61 -10.50 14.05 8.48
C ALA A 61 -11.55 14.73 9.35
N GLY A 62 -11.24 15.00 10.62
CA GLY A 62 -12.20 15.59 11.52
C GLY A 62 -12.84 14.55 12.43
N VAL A 71 -14.29 0.75 12.51
CA VAL A 71 -14.55 0.97 13.93
C VAL A 71 -14.92 -0.34 14.65
N LYS A 72 -15.11 -1.41 13.90
CA LYS A 72 -15.25 -2.73 14.50
C LYS A 72 -13.89 -3.20 15.04
N LYS A 73 -13.94 -3.91 16.17
CA LYS A 73 -12.75 -4.63 16.62
C LYS A 73 -12.30 -5.60 15.54
N LEU A 74 -10.99 -5.87 15.51
CA LEU A 74 -10.41 -6.66 14.42
C LEU A 74 -10.97 -8.08 14.37
N ASP A 75 -11.22 -8.70 15.52
CA ASP A 75 -11.74 -10.07 15.48
C ASP A 75 -13.16 -10.11 14.93
N VAL A 76 -13.96 -9.08 15.21
CA VAL A 76 -15.30 -8.98 14.63
C VAL A 76 -15.19 -8.72 13.13
N LEU A 77 -14.31 -7.81 12.73
CA LEU A 77 -14.14 -7.52 11.31
C LEU A 77 -13.65 -8.76 10.56
N SER A 78 -12.67 -9.46 11.12
CA SER A 78 -12.15 -10.68 10.51
C SER A 78 -13.24 -11.72 10.35
N ASN A 79 -14.07 -11.92 11.38
CA ASN A 79 -15.14 -12.90 11.26
C ASN A 79 -16.10 -12.51 10.14
N ASP A 80 -16.48 -11.21 10.09
CA ASP A 80 -17.36 -10.72 9.02
C ASP A 80 -16.74 -10.92 7.64
N LEU A 81 -15.43 -10.69 7.50
CA LEU A 81 -14.77 -10.85 6.21
C LEU A 81 -14.78 -12.31 5.77
N VAL A 82 -14.38 -13.23 6.65
CA VAL A 82 -14.33 -14.64 6.28
C VAL A 82 -15.75 -15.16 6.00
N MET A 83 -16.69 -14.85 6.90
CA MET A 83 -18.07 -15.30 6.71
C MET A 83 -18.62 -14.84 5.37
N ASN A 84 -18.46 -13.55 5.06
CA ASN A 84 -19.12 -13.01 3.88
C ASN A 84 -18.46 -13.53 2.62
N MET A 85 -17.12 -13.59 2.59
CA MET A 85 -16.45 -14.09 1.40
C MET A 85 -16.76 -15.57 1.16
N LEU A 86 -16.81 -16.37 2.24
CA LEU A 86 -17.11 -17.79 2.07
C LEU A 86 -18.54 -18.01 1.60
N LYS A 87 -19.51 -17.29 2.17
CA LYS A 87 -20.90 -17.43 1.73
C LYS A 87 -21.02 -17.11 0.25
N SER A 88 -20.38 -16.04 -0.19
CA SER A 88 -20.50 -15.58 -1.56
C SER A 88 -19.66 -16.38 -2.55
N SER A 89 -18.89 -17.37 -2.06
CA SER A 89 -18.09 -18.23 -2.96
C SER A 89 -18.94 -19.23 -3.71
N PHE A 90 -20.18 -19.46 -3.27
CA PHE A 90 -21.06 -20.50 -3.81
C PHE A 90 -20.44 -21.88 -3.61
N ALA A 91 -19.47 -22.00 -2.71
CA ALA A 91 -18.76 -23.25 -2.54
C ALA A 91 -19.03 -23.92 -1.20
N THR A 92 -19.78 -23.30 -0.29
CA THR A 92 -19.94 -23.80 1.08
C THR A 92 -21.42 -23.98 1.46
N CYS A 93 -21.64 -24.78 2.50
CA CYS A 93 -23.00 -25.03 2.99
C CYS A 93 -23.13 -24.90 4.52
N VAL A 94 -22.05 -25.17 5.26
CA VAL A 94 -22.04 -25.05 6.71
C VAL A 94 -20.74 -24.36 7.12
N LEU A 95 -20.84 -23.35 7.98
CA LEU A 95 -19.71 -22.55 8.39
C LEU A 95 -19.65 -22.52 9.91
N VAL A 96 -18.53 -22.97 10.46
CA VAL A 96 -18.28 -22.96 11.90
C VAL A 96 -17.20 -21.94 12.16
N SER A 97 -17.48 -21.01 13.08
CA SER A 97 -16.52 -19.99 13.47
C SER A 97 -16.35 -20.01 14.97
N GLU A 98 -15.09 -19.82 15.40
CA GLU A 98 -14.79 -19.54 16.79
C GLU A 98 -15.70 -18.47 17.36
N GLU A 99 -16.15 -17.54 16.53
CA GLU A 99 -16.92 -16.41 17.01
C GLU A 99 -18.40 -16.69 17.19
N ASP A 100 -18.92 -17.82 16.71
CA ASP A 100 -20.37 -18.00 16.67
C ASP A 100 -20.76 -19.29 17.38
N LYS A 101 -21.75 -19.20 18.28
CA LYS A 101 -22.15 -20.35 19.08
C LYS A 101 -22.62 -21.52 18.20
N HIS A 102 -23.42 -21.23 17.18
CA HIS A 102 -23.93 -22.24 16.27
C HIS A 102 -23.31 -22.10 14.88
N ALA A 103 -23.29 -23.24 14.17
CA ALA A 103 -22.89 -23.24 12.78
C ALA A 103 -23.82 -22.33 11.97
N ILE A 104 -23.23 -21.69 10.97
CA ILE A 104 -24.01 -20.90 10.02
C ILE A 104 -24.37 -21.79 8.83
N ILE A 105 -25.65 -21.84 8.51
CA ILE A 105 -26.15 -22.61 7.38
C ILE A 105 -26.26 -21.65 6.21
N VAL A 106 -25.53 -21.93 5.13
CA VAL A 106 -25.57 -21.05 3.97
C VAL A 106 -26.93 -21.16 3.30
N GLU A 107 -27.44 -20.03 2.86
CA GLU A 107 -28.76 -19.98 2.22
C GLU A 107 -28.75 -20.78 0.92
N PRO A 108 -29.91 -21.33 0.53
CA PRO A 108 -29.93 -22.32 -0.56
C PRO A 108 -29.31 -21.82 -1.85
N GLU A 109 -29.57 -20.58 -2.25
CA GLU A 109 -29.10 -20.11 -3.55
C GLU A 109 -27.58 -19.99 -3.60
N LYS A 110 -26.91 -19.97 -2.45
CA LYS A 110 -25.46 -19.84 -2.40
C LYS A 110 -24.76 -21.10 -1.90
N ARG A 111 -25.48 -22.22 -1.79
CA ARG A 111 -24.93 -23.41 -1.17
C ARG A 111 -24.01 -24.16 -2.11
N GLY A 112 -22.80 -24.44 -1.62
CA GLY A 112 -21.90 -25.38 -2.26
C GLY A 112 -21.71 -26.61 -1.37
N LYS A 113 -20.69 -27.40 -1.72
CA LYS A 113 -20.59 -28.72 -1.13
C LYS A 113 -19.64 -28.80 0.07
N TYR A 114 -19.02 -27.70 0.47
CA TYR A 114 -17.96 -27.74 1.47
C TYR A 114 -18.38 -27.18 2.83
N VAL A 115 -17.76 -27.73 3.87
CA VAL A 115 -17.92 -27.29 5.26
C VAL A 115 -16.62 -26.64 5.68
N VAL A 116 -16.68 -25.43 6.23
CA VAL A 116 -15.48 -24.72 6.66
C VAL A 116 -15.57 -24.38 8.13
N CYS A 117 -14.53 -24.76 8.89
CA CYS A 117 -14.34 -24.36 10.27
C CYS A 117 -13.15 -23.42 10.32
N PHE A 118 -13.32 -22.27 10.98
CA PHE A 118 -12.22 -21.32 11.01
C PHE A 118 -12.22 -20.53 12.30
N ASP A 119 -11.02 -20.07 12.65
CA ASP A 119 -10.76 -19.11 13.71
C ASP A 119 -10.28 -17.84 13.01
N PRO A 120 -11.10 -16.79 12.92
CA PRO A 120 -10.77 -15.69 12.00
C PRO A 120 -9.60 -14.83 12.44
N LEU A 121 -9.38 -14.62 13.73
CA LEU A 121 -8.22 -13.84 14.17
C LEU A 121 -7.70 -14.45 15.47
N ASP A 122 -7.16 -15.65 15.35
CA ASP A 122 -6.54 -16.35 16.47
C ASP A 122 -5.44 -15.50 17.10
N GLY A 123 -5.44 -15.44 18.42
CA GLY A 123 -4.44 -14.67 19.13
C GLY A 123 -4.80 -13.21 19.31
N SER A 124 -5.98 -12.78 18.83
CA SER A 124 -6.31 -11.36 18.84
C SER A 124 -6.52 -10.79 20.24
N SER A 125 -6.74 -11.65 21.24
CA SER A 125 -7.01 -11.12 22.59
C SER A 125 -5.85 -10.30 23.13
N ASN A 126 -4.64 -10.51 22.63
CA ASN A 126 -3.47 -9.76 23.04
C ASN A 126 -2.93 -8.86 21.92
N ILE A 127 -3.76 -8.56 20.91
CA ILE A 127 -3.29 -7.77 19.78
C ILE A 127 -2.94 -6.34 20.16
N ASP A 128 -3.34 -5.89 21.35
CA ASP A 128 -2.96 -4.56 21.82
C ASP A 128 -1.45 -4.41 22.02
N CYS A 129 -0.70 -5.51 22.16
CA CYS A 129 0.75 -5.44 22.20
C CYS A 129 1.39 -5.80 20.86
N LEU A 130 0.59 -5.91 19.79
CA LEU A 130 1.07 -6.12 18.43
C LEU A 130 1.72 -7.49 18.23
N VAL A 131 1.30 -8.48 19.04
CA VAL A 131 1.73 -9.85 18.85
C VAL A 131 1.26 -10.35 17.50
N SER A 132 2.03 -11.26 16.90
CA SER A 132 1.58 -11.97 15.72
C SER A 132 0.21 -12.60 15.97
N VAL A 133 -0.69 -12.49 14.99
CA VAL A 133 -1.99 -13.14 15.03
C VAL A 133 -2.18 -13.89 13.72
N GLY A 134 -3.29 -14.60 13.59
CA GLY A 134 -3.48 -15.41 12.41
C GLY A 134 -4.92 -15.83 12.19
N THR A 135 -5.16 -16.39 11.02
CA THR A 135 -6.42 -16.98 10.63
C THR A 135 -6.20 -18.47 10.39
N ILE A 136 -7.01 -19.33 11.02
CA ILE A 136 -6.87 -20.78 10.89
C ILE A 136 -8.14 -21.31 10.23
N PHE A 137 -7.98 -22.26 9.30
CA PHE A 137 -9.14 -22.82 8.61
C PHE A 137 -8.94 -24.30 8.31
N GLY A 138 -10.06 -25.03 8.32
CA GLY A 138 -10.10 -26.43 7.91
C GLY A 138 -11.31 -26.68 7.03
N ILE A 139 -11.15 -27.42 5.93
CA ILE A 139 -12.19 -27.54 4.90
C ILE A 139 -12.57 -29.01 4.77
N TYR A 140 -13.88 -29.30 4.93
CA TYR A 140 -14.43 -30.64 4.78
C TYR A 140 -15.39 -30.72 3.61
N ARG A 141 -15.51 -31.91 3.04
CA ARG A 141 -16.58 -32.21 2.10
C ARG A 141 -17.80 -32.64 2.91
N LYS A 142 -18.97 -32.09 2.58
CA LYS A 142 -20.19 -32.55 3.21
C LYS A 142 -20.43 -34.00 2.82
N LYS A 143 -20.58 -34.86 3.83
CA LYS A 143 -20.61 -36.31 3.62
C LYS A 143 -22.02 -36.87 3.50
N SER A 144 -23.00 -36.25 4.14
CA SER A 144 -24.36 -36.76 4.18
C SER A 144 -25.23 -36.09 3.12
N THR A 145 -26.33 -36.76 2.79
CA THR A 145 -27.34 -36.21 1.90
C THR A 145 -28.45 -35.49 2.64
N ASP A 146 -28.39 -35.43 3.97
CA ASP A 146 -29.37 -34.71 4.75
C ASP A 146 -29.33 -33.22 4.43
N GLU A 147 -30.37 -32.51 4.86
CA GLU A 147 -30.35 -31.07 4.82
C GLU A 147 -29.11 -30.58 5.58
N PRO A 148 -28.41 -29.56 5.08
CA PRO A 148 -27.20 -29.11 5.77
C PRO A 148 -27.52 -28.65 7.19
N SER A 149 -26.65 -29.02 8.13
CA SER A 149 -26.88 -28.68 9.52
C SER A 149 -25.54 -28.67 10.22
N GLU A 150 -25.57 -28.29 11.50
CA GLU A 150 -24.36 -28.23 12.31
C GLU A 150 -23.65 -29.58 12.34
N LYS A 151 -24.39 -30.69 12.25
CA LYS A 151 -23.81 -32.03 12.32
C LYS A 151 -22.78 -32.28 11.22
N ASP A 152 -22.88 -31.58 10.11
CA ASP A 152 -21.94 -31.80 9.01
C ASP A 152 -20.53 -31.37 9.37
N ALA A 153 -20.37 -30.55 10.41
CA ALA A 153 -19.05 -30.15 10.86
C ALA A 153 -18.45 -31.11 11.88
N LEU A 154 -19.22 -32.08 12.36
CA LEU A 154 -18.72 -33.02 13.37
C LEU A 154 -18.00 -34.20 12.71
N GLN A 155 -16.94 -33.87 11.97
CA GLN A 155 -16.09 -34.85 11.34
C GLN A 155 -14.71 -34.88 12.00
N PRO A 156 -14.05 -36.03 12.04
CA PRO A 156 -12.68 -36.08 12.54
C PRO A 156 -11.74 -35.40 11.57
N GLY A 157 -10.64 -34.85 12.09
CA GLY A 157 -9.67 -34.17 11.24
C GLY A 157 -9.13 -35.03 10.11
N ARG A 158 -9.16 -36.36 10.26
CA ARG A 158 -8.79 -37.27 9.17
C ARG A 158 -9.51 -36.98 7.88
N ASN A 159 -10.73 -36.44 7.97
CA ASN A 159 -11.57 -36.20 6.81
C ASN A 159 -11.26 -34.90 6.09
N LEU A 160 -10.29 -34.12 6.56
CA LEU A 160 -10.03 -32.81 5.98
C LEU A 160 -9.62 -32.94 4.52
N VAL A 161 -10.16 -32.04 3.69
CA VAL A 161 -9.82 -31.89 2.29
C VAL A 161 -8.69 -30.89 2.10
N ALA A 162 -8.63 -29.87 2.94
CA ALA A 162 -7.58 -28.87 2.93
C ALA A 162 -7.63 -28.13 4.26
N ALA A 163 -6.47 -27.63 4.71
CA ALA A 163 -6.42 -26.89 5.97
C ALA A 163 -5.19 -26.00 5.96
N GLY A 164 -5.16 -25.04 6.89
CA GLY A 164 -3.97 -24.23 7.00
C GLY A 164 -4.23 -22.96 7.78
N TYR A 165 -3.39 -21.97 7.51
CA TYR A 165 -3.47 -20.75 8.27
C TYR A 165 -2.79 -19.62 7.51
N ALA A 166 -3.22 -18.40 7.81
CA ALA A 166 -2.51 -17.19 7.47
C ALA A 166 -1.91 -16.64 8.75
N LEU A 167 -0.62 -16.31 8.70
CA LEU A 167 0.08 -15.68 9.81
C LEU A 167 0.31 -14.22 9.46
N TYR A 168 -0.21 -13.31 10.30
CA TYR A 168 0.08 -11.88 10.18
C TYR A 168 1.19 -11.58 11.16
N GLY A 169 2.42 -11.84 10.72
CA GLY A 169 3.60 -11.59 11.55
C GLY A 169 4.44 -10.45 10.99
N SER A 170 5.76 -10.62 10.97
CA SER A 170 6.60 -9.59 10.33
C SER A 170 6.21 -9.43 8.87
N ALA A 171 5.85 -10.54 8.20
CA ALA A 171 5.13 -10.48 6.93
C ALA A 171 3.91 -11.39 7.02
N THR A 172 3.03 -11.32 6.03
CA THR A 172 1.84 -12.16 6.00
C THR A 172 2.09 -13.36 5.09
N MET A 173 1.87 -14.55 5.63
CA MET A 173 2.10 -15.78 4.89
C MET A 173 0.90 -16.70 5.01
N LEU A 174 0.54 -17.32 3.89
CA LEU A 174 -0.49 -18.33 3.88
C LEU A 174 0.18 -19.70 3.75
N VAL A 175 -0.11 -20.58 4.70
CA VAL A 175 0.34 -21.96 4.66
C VAL A 175 -0.87 -22.81 4.31
N LEU A 176 -0.81 -23.53 3.20
CA LEU A 176 -1.90 -24.34 2.69
C LEU A 176 -1.45 -25.80 2.61
N ALA A 177 -2.11 -26.67 3.35
CA ALA A 177 -1.80 -28.10 3.34
C ALA A 177 -2.94 -28.81 2.64
N MET A 178 -2.60 -29.69 1.70
CA MET A 178 -3.57 -30.52 1.01
C MET A 178 -2.94 -31.89 0.82
N ASP A 179 -3.64 -32.75 0.06
CA ASP A 179 -3.08 -34.08 -0.22
C ASP A 179 -1.70 -33.97 -0.85
N CYS A 180 -1.49 -32.97 -1.72
CA CYS A 180 -0.21 -32.84 -2.37
C CYS A 180 0.92 -32.35 -1.44
N GLY A 181 0.64 -32.03 -0.19
CA GLY A 181 1.64 -31.55 0.74
C GLY A 181 1.34 -30.15 1.24
N VAL A 182 2.36 -29.55 1.86
CA VAL A 182 2.26 -28.23 2.49
C VAL A 182 3.00 -27.20 1.64
N ASN A 183 2.34 -26.09 1.32
CA ASN A 183 2.96 -25.04 0.53
C ASN A 183 2.76 -23.69 1.19
N CYS A 184 3.80 -22.86 1.14
CA CYS A 184 3.84 -21.58 1.82
C CYS A 184 3.90 -20.46 0.79
N PHE A 185 2.97 -19.51 0.92
CA PHE A 185 2.81 -18.40 -0.01
C PHE A 185 2.96 -17.10 0.77
N MET A 186 3.87 -16.24 0.33
CA MET A 186 4.07 -14.94 0.96
C MET A 186 3.16 -13.92 0.30
N LEU A 187 2.44 -13.14 1.11
CA LEU A 187 1.64 -12.04 0.58
C LEU A 187 2.57 -10.87 0.20
N ASP A 188 2.55 -10.50 -1.06
CA ASP A 188 3.22 -9.29 -1.53
C ASP A 188 2.19 -8.16 -1.46
N PRO A 189 2.24 -7.31 -0.43
CA PRO A 189 1.18 -6.29 -0.30
C PRO A 189 1.21 -5.21 -1.36
N ALA A 190 2.32 -5.04 -2.11
CA ALA A 190 2.30 -4.07 -3.21
C ALA A 190 1.29 -4.45 -4.28
N ILE A 191 1.02 -5.75 -4.45
CA ILE A 191 0.16 -6.21 -5.53
C ILE A 191 -0.94 -7.16 -5.06
N GLY A 192 -1.01 -7.48 -3.77
CA GLY A 192 -2.06 -8.37 -3.30
C GLY A 192 -2.03 -9.72 -3.97
N GLU A 193 -0.86 -10.32 -4.00
CA GLU A 193 -0.68 -11.65 -4.53
C GLU A 193 0.04 -12.49 -3.50
N PHE A 194 -0.42 -13.74 -3.34
CA PHE A 194 0.27 -14.71 -2.51
C PHE A 194 1.28 -15.45 -3.38
N ILE A 195 2.56 -15.26 -3.11
CA ILE A 195 3.63 -15.77 -3.97
C ILE A 195 4.19 -17.04 -3.36
N LEU A 196 4.26 -18.11 -4.17
CA LEU A 196 4.78 -19.38 -3.67
C LEU A 196 6.28 -19.26 -3.39
N VAL A 197 6.67 -19.43 -2.13
CA VAL A 197 8.07 -19.29 -1.75
C VAL A 197 8.65 -20.54 -1.09
N ASP A 198 7.82 -21.48 -0.63
CA ASP A 198 8.30 -22.71 -0.01
C ASP A 198 7.44 -23.87 -0.47
N LYS A 199 8.01 -24.76 -1.27
CA LYS A 199 7.26 -25.85 -1.88
C LYS A 199 7.45 -27.14 -1.09
N ASP A 200 6.35 -27.86 -0.91
CA ASP A 200 6.38 -29.21 -0.34
C ASP A 200 7.19 -29.24 0.96
N VAL A 201 6.77 -28.43 1.92
CA VAL A 201 7.54 -28.25 3.14
C VAL A 201 7.46 -29.50 4.02
N LYS A 202 8.61 -29.87 4.61
CA LYS A 202 8.71 -30.96 5.58
C LYS A 202 9.37 -30.43 6.84
N ILE A 203 8.87 -30.87 7.99
CA ILE A 203 9.42 -30.45 9.27
C ILE A 203 10.66 -31.29 9.60
N LYS A 204 11.60 -30.70 10.34
CA LYS A 204 12.76 -31.43 10.85
C LYS A 204 12.32 -32.64 11.67
N LYS A 205 13.10 -33.72 11.59
CA LYS A 205 12.79 -34.94 12.32
C LYS A 205 12.89 -34.72 13.83
N LYS A 206 13.82 -33.87 14.25
CA LYS A 206 13.98 -33.54 15.66
C LYS A 206 14.41 -32.09 15.73
N GLY A 207 13.83 -31.36 16.69
CA GLY A 207 14.12 -29.95 16.86
C GLY A 207 14.91 -29.69 18.12
N LYS A 208 15.06 -28.40 18.42
CA LYS A 208 15.82 -27.93 19.58
C LYS A 208 15.10 -26.83 20.35
N ILE A 209 13.77 -26.72 20.18
CA ILE A 209 12.97 -25.69 20.86
C ILE A 209 11.71 -26.35 21.40
N TYR A 210 11.33 -25.99 22.62
CA TYR A 210 10.05 -26.41 23.18
C TYR A 210 9.20 -25.17 23.46
N SER A 211 7.88 -25.32 23.37
CA SER A 211 6.96 -24.19 23.38
C SER A 211 5.71 -24.52 24.18
N LEU A 212 5.55 -23.89 25.34
CA LEU A 212 4.35 -23.98 26.18
C LEU A 212 4.42 -22.90 27.25
N ASN A 213 3.28 -22.61 27.86
CA ASN A 213 3.24 -21.64 28.96
C ASN A 213 3.70 -22.29 30.25
N GLU A 214 4.97 -22.10 30.61
CA GLU A 214 5.52 -22.66 31.84
C GLU A 214 5.12 -21.89 33.08
N GLY A 215 4.47 -20.73 32.95
CA GLY A 215 4.00 -20.01 34.11
C GLY A 215 2.98 -20.79 34.92
N TYR A 216 2.26 -21.72 34.27
CA TYR A 216 1.26 -22.53 34.94
C TYR A 216 1.82 -23.89 35.35
N ALA A 217 3.13 -23.95 35.60
CA ALA A 217 3.80 -25.21 35.91
C ALA A 217 3.20 -25.93 37.11
N LYS A 218 2.67 -25.19 38.08
CA LYS A 218 2.11 -25.83 39.26
C LYS A 218 0.92 -26.73 38.92
N ASP A 219 0.28 -26.50 37.78
CA ASP A 219 -0.86 -27.29 37.31
C ASP A 219 -0.45 -28.38 36.30
N PHE A 220 0.83 -28.47 35.95
CA PHE A 220 1.26 -29.44 34.93
C PHE A 220 0.88 -30.87 35.31
N ASP A 221 0.50 -31.63 34.29
CA ASP A 221 0.46 -33.06 34.42
C ASP A 221 1.89 -33.58 34.66
N PRO A 222 2.06 -34.65 35.44
CA PRO A 222 3.41 -35.13 35.75
C PRO A 222 4.25 -35.49 34.53
N ALA A 223 3.61 -35.99 33.46
CA ALA A 223 4.36 -36.32 32.24
C ALA A 223 4.92 -35.06 31.61
N VAL A 224 4.15 -33.97 31.62
CA VAL A 224 4.63 -32.70 31.10
C VAL A 224 5.80 -32.19 31.94
N THR A 225 5.65 -32.25 33.26
CA THR A 225 6.74 -31.83 34.15
C THR A 225 8.03 -32.58 33.82
N GLU A 226 7.93 -33.91 33.67
CA GLU A 226 9.12 -34.69 33.38
C GLU A 226 9.67 -34.37 32.00
N TYR A 227 8.81 -34.26 30.99
CA TYR A 227 9.30 -33.98 29.64
C TYR A 227 10.03 -32.64 29.59
N ILE A 228 9.44 -31.59 30.18
CA ILE A 228 10.08 -30.29 30.14
C ILE A 228 11.37 -30.30 30.95
N GLN A 229 11.37 -31.03 32.06
CA GLN A 229 12.59 -31.24 32.82
C GLN A 229 13.68 -31.88 31.95
N ARG A 230 13.30 -32.86 31.12
CA ARG A 230 14.27 -33.47 30.22
C ARG A 230 14.80 -32.48 29.19
N LYS A 231 13.97 -31.51 28.79
CA LYS A 231 14.43 -30.52 27.80
C LYS A 231 15.43 -29.55 28.41
N LYS A 232 15.23 -29.19 29.69
CA LYS A 232 16.14 -28.26 30.35
C LYS A 232 17.37 -28.95 30.93
N PHE A 233 17.21 -30.17 31.45
CA PHE A 233 18.30 -30.90 32.10
C PHE A 233 18.45 -32.24 31.42
N PRO A 234 19.04 -32.27 30.23
CA PRO A 234 19.08 -33.50 29.44
C PRO A 234 19.87 -34.57 30.15
N PRO A 235 19.33 -35.79 30.27
CA PRO A 235 20.06 -36.85 30.96
C PRO A 235 21.26 -37.41 30.18
N ASP A 236 21.39 -37.11 28.89
CA ASP A 236 22.47 -37.66 28.07
C ASP A 236 23.55 -36.66 27.69
N ASN A 237 23.71 -35.58 28.47
CA ASN A 237 24.73 -34.56 28.20
C ASN A 237 24.57 -33.87 26.85
N SER A 238 23.39 -33.95 26.23
CA SER A 238 23.12 -33.14 25.06
C SER A 238 22.82 -31.70 25.50
N ALA A 239 22.76 -30.80 24.53
CA ALA A 239 22.47 -29.41 24.86
C ALA A 239 21.01 -29.27 25.27
N PRO A 240 20.70 -28.43 26.27
CA PRO A 240 19.30 -28.17 26.59
C PRO A 240 18.65 -27.47 25.41
N TYR A 241 17.37 -27.74 25.23
CA TYR A 241 16.58 -27.03 24.23
C TYR A 241 16.41 -25.56 24.62
N GLY A 242 16.30 -24.71 23.60
CA GLY A 242 15.79 -23.38 23.83
C GLY A 242 14.27 -23.38 24.01
N ALA A 243 13.78 -22.34 24.68
CA ALA A 243 12.34 -22.16 24.88
C ALA A 243 11.87 -20.92 24.13
N ARG A 244 10.70 -21.04 23.48
CA ARG A 244 10.02 -19.92 22.82
C ARG A 244 8.52 -20.11 23.04
N TYR A 245 7.83 -19.05 23.44
CA TYR A 245 6.37 -19.15 23.58
C TYR A 245 5.77 -17.76 23.29
N VAL A 246 5.28 -17.59 22.07
CA VAL A 246 4.71 -16.30 21.69
C VAL A 246 3.38 -16.08 22.41
N GLY A 247 2.62 -17.16 22.64
CA GLY A 247 1.29 -17.03 23.18
C GLY A 247 0.23 -16.81 22.14
N SER A 248 0.59 -16.89 20.87
CA SER A 248 -0.34 -16.83 19.75
C SER A 248 -0.12 -18.11 18.95
N MET A 249 -1.16 -18.94 18.85
CA MET A 249 -0.99 -20.31 18.37
C MET A 249 -0.38 -20.34 16.97
N VAL A 250 -0.85 -19.49 16.06
CA VAL A 250 -0.35 -19.54 14.69
C VAL A 250 1.14 -19.22 14.65
N ALA A 251 1.57 -18.22 15.42
CA ALA A 251 2.99 -17.86 15.45
C ALA A 251 3.84 -19.01 15.98
N ASP A 252 3.39 -19.67 17.05
CA ASP A 252 4.18 -20.74 17.64
C ASP A 252 4.18 -21.98 16.75
N VAL A 253 3.04 -22.31 16.15
CA VAL A 253 3.00 -23.48 15.28
C VAL A 253 3.85 -23.24 14.03
N HIS A 254 3.79 -22.02 13.47
CA HIS A 254 4.58 -21.77 12.28
C HIS A 254 6.09 -21.83 12.55
N ARG A 255 6.54 -21.27 13.69
CA ARG A 255 7.94 -21.44 14.08
C ARG A 255 8.29 -22.92 14.20
N THR A 256 7.39 -23.71 14.80
CA THR A 256 7.58 -25.15 14.91
C THR A 256 7.74 -25.79 13.53
N LEU A 257 6.94 -25.38 12.55
CA LEU A 257 7.05 -25.94 11.21
C LEU A 257 8.40 -25.60 10.58
N VAL A 258 8.84 -24.35 10.73
CA VAL A 258 10.03 -23.85 10.04
C VAL A 258 11.31 -24.34 10.70
N TYR A 259 11.37 -24.33 12.03
CA TYR A 259 12.60 -24.67 12.75
C TYR A 259 12.57 -26.03 13.40
N GLY A 260 11.42 -26.68 13.48
CA GLY A 260 11.31 -27.92 14.20
C GLY A 260 11.12 -27.70 15.70
N GLY A 261 10.96 -28.82 16.40
CA GLY A 261 10.74 -28.76 17.83
C GLY A 261 9.35 -29.21 18.20
N ILE A 262 8.85 -28.72 19.32
CA ILE A 262 7.59 -29.22 19.85
C ILE A 262 6.81 -28.05 20.42
N PHE A 263 5.50 -28.10 20.23
CA PHE A 263 4.57 -27.11 20.76
C PHE A 263 3.58 -27.85 21.64
N LEU A 264 3.30 -27.33 22.82
CA LEU A 264 2.43 -28.04 23.74
C LEU A 264 1.34 -27.12 24.27
N TYR A 265 0.10 -27.58 24.20
CA TYR A 265 -0.99 -27.02 25.00
C TYR A 265 -1.71 -28.24 25.57
N PRO A 266 -1.16 -28.85 26.61
CA PRO A 266 -1.66 -30.13 27.08
C PRO A 266 -2.77 -29.99 28.13
N ALA A 267 -3.46 -31.11 28.35
CA ALA A 267 -4.45 -31.22 29.41
C ALA A 267 -3.78 -31.19 30.77
N ASN A 268 -4.54 -30.77 31.77
CA ASN A 268 -4.14 -30.90 33.16
C ASN A 268 -5.37 -31.28 33.98
N LYS A 269 -5.22 -31.31 35.31
CA LYS A 269 -6.33 -31.69 36.17
C LYS A 269 -7.38 -30.59 36.21
N LYS A 270 -6.98 -29.31 36.10
CA LYS A 270 -7.94 -28.23 36.01
C LYS A 270 -8.59 -28.15 34.62
N SER A 271 -7.92 -28.65 33.58
CA SER A 271 -8.42 -28.58 32.21
C SER A 271 -8.20 -29.94 31.56
N PRO A 272 -9.08 -30.90 31.83
CA PRO A 272 -8.85 -32.28 31.34
C PRO A 272 -8.93 -32.42 29.84
N ASN A 273 -9.50 -31.44 29.13
CA ASN A 273 -9.54 -31.49 27.68
C ASN A 273 -8.65 -30.44 27.02
N GLY A 274 -7.65 -29.88 27.73
CA GLY A 274 -6.90 -28.79 27.13
C GLY A 274 -7.79 -27.55 27.05
N LYS A 275 -7.23 -26.51 26.40
CA LYS A 275 -7.99 -25.28 26.13
C LYS A 275 -8.22 -24.97 24.66
N LEU A 276 -7.28 -25.28 23.77
CA LEU A 276 -7.48 -24.95 22.37
C LEU A 276 -8.64 -25.75 21.78
N ARG A 277 -9.28 -25.19 20.75
CA ARG A 277 -10.51 -25.76 20.19
C ARG A 277 -10.20 -26.74 19.06
N LEU A 278 -10.86 -27.91 19.10
CA LEU A 278 -10.55 -29.00 18.18
C LEU A 278 -10.84 -28.65 16.73
N LEU A 279 -12.03 -28.12 16.43
CA LEU A 279 -12.47 -28.05 15.04
C LEU A 279 -11.69 -27.02 14.24
N TYR A 280 -11.38 -25.86 14.82
CA TYR A 280 -10.79 -24.76 14.06
C TYR A 280 -9.48 -24.26 14.65
N GLU A 281 -8.89 -24.98 15.60
CA GLU A 281 -7.53 -24.69 16.01
C GLU A 281 -6.67 -25.94 15.91
N CYS A 282 -7.05 -26.99 16.65
CA CYS A 282 -6.22 -28.18 16.77
C CYS A 282 -6.18 -28.97 15.46
N ASN A 283 -7.35 -29.31 14.92
CA ASN A 283 -7.39 -30.12 13.70
C ASN A 283 -6.62 -29.50 12.54
N PRO A 284 -6.84 -28.23 12.17
CA PRO A 284 -6.07 -27.68 11.04
C PRO A 284 -4.56 -27.72 11.25
N MET A 285 -4.08 -27.40 12.45
CA MET A 285 -2.66 -27.46 12.72
C MET A 285 -2.14 -28.89 12.74
N ALA A 286 -2.93 -29.83 13.27
CA ALA A 286 -2.51 -31.24 13.22
C ALA A 286 -2.38 -31.71 11.77
N TYR A 287 -3.27 -31.26 10.91
CA TYR A 287 -3.26 -31.65 9.50
C TYR A 287 -2.04 -31.08 8.79
N VAL A 288 -1.72 -29.81 9.04
CA VAL A 288 -0.52 -29.21 8.47
C VAL A 288 0.72 -29.98 8.92
N MET A 289 0.79 -30.28 10.23
CA MET A 289 1.93 -31.00 10.78
C MET A 289 2.10 -32.36 10.12
N GLU A 290 1.02 -33.14 10.04
CA GLU A 290 1.12 -34.48 9.48
C GLU A 290 1.45 -34.41 7.99
N LYS A 291 0.89 -33.44 7.27
CA LYS A 291 1.25 -33.32 5.86
C LYS A 291 2.71 -32.92 5.68
N ALA A 292 3.32 -32.31 6.69
CA ALA A 292 4.75 -31.99 6.67
C ALA A 292 5.62 -33.07 7.28
N GLY A 293 5.08 -34.25 7.54
CA GLY A 293 5.86 -35.29 8.18
C GLY A 293 6.01 -35.12 9.68
N GLY A 294 5.20 -34.27 10.31
CA GLY A 294 5.23 -34.11 11.75
C GLY A 294 4.16 -34.93 12.43
N MET A 295 3.97 -34.67 13.72
CA MET A 295 2.96 -35.37 14.51
C MET A 295 2.15 -34.38 15.34
N ALA A 296 0.95 -34.81 15.72
CA ALA A 296 0.11 -34.02 16.61
C ALA A 296 -0.79 -34.98 17.38
N THR A 297 -0.65 -34.96 18.70
CA THR A 297 -1.33 -35.90 19.56
C THR A 297 -1.99 -35.15 20.71
N THR A 298 -3.06 -35.75 21.23
CA THR A 298 -3.65 -35.30 22.49
C THR A 298 -2.93 -35.86 23.69
N GLY A 299 -1.99 -36.78 23.47
CA GLY A 299 -1.42 -37.57 24.54
C GLY A 299 -1.95 -38.99 24.47
N LYS A 300 -3.25 -39.12 24.19
CA LYS A 300 -3.92 -40.41 24.13
C LYS A 300 -4.18 -40.90 22.71
N GLU A 301 -4.26 -40.01 21.72
CA GLU A 301 -4.51 -40.40 20.34
C GLU A 301 -4.08 -39.25 19.42
N ALA A 302 -4.04 -39.55 18.12
CA ALA A 302 -3.82 -38.50 17.14
C ALA A 302 -4.99 -37.52 17.15
N VAL A 303 -4.67 -36.22 17.17
CA VAL A 303 -5.69 -35.18 17.09
C VAL A 303 -6.67 -35.45 15.95
N LEU A 304 -6.15 -35.81 14.77
CA LEU A 304 -6.99 -35.99 13.61
C LEU A 304 -7.95 -37.19 13.73
N ASP A 305 -7.74 -38.06 14.72
CA ASP A 305 -8.61 -39.22 14.93
C ASP A 305 -9.71 -38.96 15.95
N VAL A 306 -9.64 -37.88 16.71
CA VAL A 306 -10.71 -37.56 17.64
C VAL A 306 -11.99 -37.30 16.86
N ILE A 307 -13.08 -37.92 17.29
CA ILE A 307 -14.39 -37.72 16.66
C ILE A 307 -15.15 -36.70 17.52
N PRO A 308 -15.42 -35.50 17.01
CA PRO A 308 -16.04 -34.48 17.86
C PRO A 308 -17.51 -34.76 18.09
N THR A 309 -18.00 -34.28 19.22
CA THR A 309 -19.42 -34.26 19.51
C THR A 309 -19.97 -32.85 19.69
N ASP A 310 -19.10 -31.85 19.77
CA ASP A 310 -19.52 -30.46 19.93
C ASP A 310 -18.57 -29.60 19.12
N ILE A 311 -19.10 -28.68 18.31
CA ILE A 311 -18.26 -27.93 17.38
C ILE A 311 -17.24 -27.04 18.09
N HIS A 312 -17.48 -26.71 19.36
CA HIS A 312 -16.58 -25.86 20.13
C HIS A 312 -15.81 -26.63 21.21
N GLN A 313 -15.73 -27.95 21.06
CA GLN A 313 -15.08 -28.75 22.08
C GLN A 313 -13.58 -28.53 22.04
N ARG A 314 -12.97 -28.67 23.21
CA ARG A 314 -11.54 -28.44 23.36
C ARG A 314 -10.79 -29.75 23.19
N ALA A 315 -9.50 -29.62 22.88
CA ALA A 315 -8.64 -30.79 22.78
C ALA A 315 -7.26 -30.38 23.25
N PRO A 316 -6.57 -31.25 23.97
CA PRO A 316 -5.14 -31.04 24.20
C PRO A 316 -4.39 -31.26 22.89
N VAL A 317 -3.24 -30.61 22.78
CA VAL A 317 -2.45 -30.73 21.55
C VAL A 317 -0.96 -30.67 21.90
N ILE A 318 -0.22 -31.65 21.39
CA ILE A 318 1.24 -31.71 21.43
C ILE A 318 1.67 -32.03 20.02
N LEU A 319 2.42 -31.12 19.39
CA LEU A 319 2.72 -31.30 17.97
C LEU A 319 4.12 -30.82 17.64
N GLY A 320 4.60 -31.27 16.48
CA GLY A 320 5.89 -30.81 16.01
C GLY A 320 6.72 -31.91 15.42
N SER A 321 8.03 -31.82 15.62
CA SER A 321 8.94 -32.77 15.02
C SER A 321 8.67 -34.17 15.56
N PRO A 322 8.71 -35.20 14.70
CA PRO A 322 8.26 -36.53 15.16
C PRO A 322 9.08 -37.14 16.29
N ASP A 323 10.41 -37.02 16.26
CA ASP A 323 11.20 -37.55 17.38
C ASP A 323 10.82 -36.86 18.69
N ASP A 324 10.56 -35.55 18.64
CA ASP A 324 10.23 -34.83 19.86
C ASP A 324 8.89 -35.28 20.40
N VAL A 325 7.88 -35.39 19.52
CA VAL A 325 6.56 -35.83 19.96
C VAL A 325 6.62 -37.24 20.51
N LEU A 326 7.33 -38.14 19.81
CA LEU A 326 7.45 -39.51 20.30
C LEU A 326 8.11 -39.54 21.67
N GLU A 327 9.14 -38.73 21.87
CA GLU A 327 9.75 -38.67 23.18
C GLU A 327 8.74 -38.21 24.23
N PHE A 328 7.93 -37.21 23.89
CA PHE A 328 6.86 -36.84 24.81
C PHE A 328 5.93 -38.01 25.09
N LEU A 329 5.55 -38.75 24.04
CA LEU A 329 4.59 -39.85 24.22
C LEU A 329 5.19 -40.96 25.05
N LYS A 330 6.50 -41.21 24.93
CA LYS A 330 7.17 -42.17 25.79
C LYS A 330 7.08 -41.75 27.25
N VAL A 331 7.32 -40.48 27.54
CA VAL A 331 7.16 -39.99 28.90
C VAL A 331 5.70 -40.10 29.34
N TYR A 332 4.77 -39.79 28.44
CA TYR A 332 3.36 -39.84 28.79
C TYR A 332 2.91 -41.26 29.12
N GLU A 333 3.31 -42.24 28.29
CA GLU A 333 2.99 -43.64 28.55
C GLU A 333 3.62 -44.13 29.84
N LYS A 334 4.83 -43.64 30.16
CA LYS A 334 5.51 -44.05 31.38
C LYS A 334 4.69 -43.67 32.62
N HIS A 335 3.97 -42.56 32.56
CA HIS A 335 3.08 -42.17 33.64
C HIS A 335 1.68 -42.73 33.45
N SER A 336 1.54 -43.74 32.58
CA SER A 336 0.26 -44.38 32.27
C SER A 336 -0.81 -43.39 31.88
N ASP B 10 -7.44 16.31 18.84
CA ASP B 10 -6.97 16.53 17.47
C ASP B 10 -5.89 15.54 17.07
N VAL B 11 -5.97 15.10 15.81
CA VAL B 11 -5.00 14.16 15.26
C VAL B 11 -3.58 14.74 15.31
N ASN B 12 -2.61 13.88 15.54
CA ASN B 12 -1.21 14.29 15.61
C ASN B 12 -0.32 13.23 14.97
N THR B 13 0.69 13.67 14.24
CA THR B 13 1.68 12.81 13.62
C THR B 13 3.02 12.95 14.32
N LEU B 14 3.89 11.96 14.09
CA LEU B 14 5.25 12.04 14.63
C LEU B 14 5.95 13.30 14.14
N THR B 15 5.81 13.60 12.84
CA THR B 15 6.43 14.78 12.27
C THR B 15 6.00 16.04 13.00
N ARG B 16 4.69 16.21 13.18
CA ARG B 16 4.16 17.39 13.84
C ARG B 16 4.51 17.40 15.32
N PHE B 17 4.45 16.23 15.98
CA PHE B 17 4.73 16.13 17.41
C PHE B 17 6.15 16.59 17.74
N VAL B 18 7.15 16.06 17.04
CA VAL B 18 8.52 16.42 17.43
C VAL B 18 8.79 17.88 17.07
N MET B 19 8.26 18.32 15.93
CA MET B 19 8.33 19.72 15.55
C MET B 19 7.74 20.62 16.62
N GLU B 20 6.59 20.22 17.19
CA GLU B 20 5.97 21.05 18.21
C GLU B 20 6.75 20.99 19.52
N GLU B 21 7.29 19.83 19.88
CA GLU B 21 8.15 19.76 21.07
C GLU B 21 9.40 20.61 20.88
N GLY B 22 9.93 20.65 19.66
CA GLY B 22 11.11 21.45 19.42
C GLY B 22 10.84 22.94 19.53
N ARG B 23 9.69 23.38 19.01
CA ARG B 23 9.34 24.79 19.11
C ARG B 23 9.09 25.19 20.56
N LYS B 24 8.50 24.30 21.35
CA LYS B 24 8.36 24.56 22.79
C LYS B 24 9.72 24.78 23.43
N ALA B 25 10.71 23.95 23.08
CA ALA B 25 12.04 24.01 23.66
C ALA B 25 12.94 25.03 23.00
N ARG B 26 12.46 25.76 21.99
CA ARG B 26 13.27 26.75 21.27
C ARG B 26 14.49 26.10 20.62
N GLY B 27 14.33 24.88 20.12
CA GLY B 27 15.44 24.19 19.50
C GLY B 27 15.73 24.69 18.09
N THR B 28 16.90 24.34 17.60
CA THR B 28 17.31 24.75 16.26
C THR B 28 16.75 23.86 15.16
N GLY B 29 16.09 22.76 15.52
CA GLY B 29 15.54 21.80 14.57
C GLY B 29 16.39 20.61 14.21
N GLU B 30 17.64 20.53 14.72
CA GLU B 30 18.53 19.46 14.27
C GLU B 30 18.06 18.08 14.74
N LEU B 31 17.58 17.98 15.98
CA LEU B 31 17.09 16.69 16.47
C LEU B 31 15.86 16.25 15.70
N THR B 32 15.00 17.22 15.35
CA THR B 32 13.83 16.92 14.52
C THR B 32 14.24 16.38 13.16
N GLN B 33 15.27 16.97 12.54
CA GLN B 33 15.76 16.47 11.27
C GLN B 33 16.23 15.03 11.41
N LEU B 34 16.96 14.77 12.49
CA LEU B 34 17.37 13.40 12.80
C LEU B 34 16.16 12.49 12.92
N LEU B 35 15.19 12.88 13.76
CA LEU B 35 14.07 11.98 13.99
C LEU B 35 13.22 11.80 12.74
N ASN B 36 13.05 12.86 11.94
CA ASN B 36 12.35 12.73 10.66
C ASN B 36 13.05 11.72 9.76
N SER B 37 14.38 11.83 9.64
CA SER B 37 15.16 10.92 8.83
C SER B 37 15.03 9.50 9.36
N LEU B 38 15.00 9.35 10.66
CA LEU B 38 14.84 8.03 11.24
C LEU B 38 13.47 7.45 10.91
N CYS B 39 12.43 8.29 10.91
CA CYS B 39 11.08 7.79 10.61
C CYS B 39 10.96 7.34 9.17
N THR B 40 11.56 8.07 8.24
CA THR B 40 11.59 7.67 6.85
C THR B 40 12.24 6.31 6.69
N ALA B 41 13.38 6.11 7.37
CA ALA B 41 14.07 4.82 7.30
C ALA B 41 13.20 3.70 7.87
N VAL B 42 12.51 3.97 8.98
CA VAL B 42 11.66 2.95 9.60
C VAL B 42 10.53 2.53 8.67
N LYS B 43 9.91 3.49 7.98
CA LYS B 43 8.86 3.16 7.02
C LYS B 43 9.40 2.31 5.86
N ALA B 44 10.62 2.60 5.41
CA ALA B 44 11.19 1.78 4.33
C ALA B 44 11.54 0.39 4.83
N ILE B 45 12.03 0.29 6.08
CA ILE B 45 12.27 -1.03 6.66
C ILE B 45 10.96 -1.80 6.78
N SER B 46 9.93 -1.15 7.32
CA SER B 46 8.63 -1.80 7.45
C SER B 46 8.12 -2.31 6.10
N SER B 47 8.24 -1.49 5.05
CA SER B 47 7.81 -1.92 3.73
C SER B 47 8.56 -3.18 3.30
N ALA B 48 9.88 -3.21 3.50
CA ALA B 48 10.68 -4.38 3.11
C ALA B 48 10.40 -5.59 4.02
N VAL B 49 10.16 -5.35 5.30
CA VAL B 49 9.90 -6.46 6.22
C VAL B 49 8.56 -7.12 5.88
N ARG B 50 7.55 -6.33 5.51
CA ARG B 50 6.28 -6.91 5.10
C ARG B 50 6.30 -7.49 3.69
N LYS B 51 7.45 -7.45 3.03
CA LYS B 51 7.73 -8.14 1.77
C LYS B 51 7.03 -7.49 0.57
N ALA B 52 6.81 -6.18 0.64
CA ALA B 52 6.39 -5.45 -0.54
C ALA B 52 7.42 -5.64 -1.65
N GLY B 53 6.96 -6.08 -2.82
CA GLY B 53 7.83 -6.29 -3.95
C GLY B 53 8.51 -7.64 -4.02
N ILE B 54 8.24 -8.55 -3.07
CA ILE B 54 8.90 -9.85 -3.07
C ILE B 54 8.62 -10.62 -4.35
N ALA B 55 7.49 -10.34 -5.01
CA ALA B 55 7.14 -11.00 -6.26
C ALA B 55 8.22 -10.77 -7.33
N HIS B 56 8.90 -9.63 -7.28
CA HIS B 56 9.97 -9.38 -8.23
C HIS B 56 11.16 -10.30 -7.99
N LEU B 57 11.44 -10.61 -6.72
CA LEU B 57 12.53 -11.55 -6.40
C LEU B 57 12.22 -12.94 -6.91
N TYR B 58 10.94 -13.29 -7.05
CA TYR B 58 10.54 -14.61 -7.49
C TYR B 58 10.14 -14.65 -8.97
N GLY B 59 10.54 -13.64 -9.74
CA GLY B 59 10.48 -13.70 -11.19
C GLY B 59 9.20 -13.22 -11.84
N ILE B 60 8.41 -12.38 -11.16
CA ILE B 60 7.14 -11.94 -11.77
C ILE B 60 7.38 -11.26 -13.11
N ALA B 61 8.52 -10.59 -13.27
CA ALA B 61 8.85 -9.92 -14.52
C ALA B 61 9.87 -10.68 -15.34
N GLY B 62 10.01 -11.98 -15.11
CA GLY B 62 11.00 -12.78 -15.83
C GLY B 62 12.25 -13.03 -15.02
N LYS B 73 20.03 -10.54 3.93
CA LYS B 73 19.95 -9.30 3.14
C LYS B 73 19.03 -8.28 3.80
N LEU B 74 17.97 -8.77 4.44
CA LEU B 74 17.00 -7.86 5.02
C LEU B 74 17.65 -7.04 6.13
N ASP B 75 18.48 -7.67 6.96
CA ASP B 75 19.13 -6.89 8.00
C ASP B 75 20.17 -5.95 7.42
N VAL B 76 20.80 -6.33 6.30
CA VAL B 76 21.76 -5.47 5.62
C VAL B 76 21.07 -4.26 5.01
N LEU B 77 19.93 -4.49 4.34
CA LEU B 77 19.16 -3.38 3.77
C LEU B 77 18.71 -2.41 4.86
N SER B 78 18.20 -2.95 5.97
CA SER B 78 17.79 -2.10 7.09
C SER B 78 18.95 -1.26 7.60
N ASN B 79 20.14 -1.86 7.72
CA ASN B 79 21.30 -1.10 8.15
C ASN B 79 21.61 0.01 7.15
N ASP B 80 21.60 -0.32 5.85
CA ASP B 80 21.82 0.68 4.81
C ASP B 80 20.80 1.79 4.89
N LEU B 81 19.53 1.44 5.13
CA LEU B 81 18.50 2.47 5.20
C LEU B 81 18.78 3.44 6.36
N VAL B 82 19.05 2.92 7.55
CA VAL B 82 19.28 3.79 8.70
C VAL B 82 20.57 4.60 8.55
N MET B 83 21.65 3.94 8.17
CA MET B 83 22.92 4.66 8.00
C MET B 83 22.75 5.82 7.02
N ASN B 84 22.13 5.56 5.87
CA ASN B 84 22.12 6.58 4.83
C ASN B 84 21.20 7.74 5.19
N MET B 85 20.03 7.43 5.76
CA MET B 85 19.11 8.51 6.15
C MET B 85 19.70 9.36 7.27
N LEU B 86 20.37 8.74 8.24
CA LEU B 86 20.98 9.51 9.32
C LEU B 86 22.15 10.36 8.81
N LYS B 87 23.01 9.79 7.95
CA LYS B 87 24.09 10.58 7.38
C LYS B 87 23.56 11.78 6.64
N SER B 88 22.53 11.59 5.83
CA SER B 88 22.02 12.68 5.03
C SER B 88 21.10 13.61 5.82
N SER B 89 20.88 13.33 7.11
CA SER B 89 20.11 14.26 7.93
C SER B 89 20.92 15.48 8.30
N PHE B 90 22.25 15.44 8.14
CA PHE B 90 23.14 16.50 8.57
C PHE B 90 23.07 16.74 10.07
N ALA B 91 22.54 15.79 10.83
CA ALA B 91 22.38 15.94 12.27
C ALA B 91 23.31 15.04 13.07
N THR B 92 24.11 14.19 12.44
CA THR B 92 24.84 13.16 13.16
C THR B 92 26.32 13.20 12.83
N CYS B 93 27.13 12.63 13.74
CA CYS B 93 28.56 12.61 13.55
C CYS B 93 29.17 11.23 13.80
N VAL B 94 28.56 10.44 14.69
CA VAL B 94 29.06 9.08 14.98
C VAL B 94 27.88 8.13 14.99
N LEU B 95 28.03 7.00 14.30
CA LEU B 95 26.94 6.04 14.14
C LEU B 95 27.45 4.67 14.56
N VAL B 96 26.82 4.08 15.57
CA VAL B 96 27.15 2.74 16.03
C VAL B 96 25.97 1.84 15.65
N SER B 97 26.28 0.76 14.94
CA SER B 97 25.28 -0.20 14.51
C SER B 97 25.67 -1.60 14.95
N GLU B 98 24.67 -2.39 15.33
CA GLU B 98 24.86 -3.82 15.57
C GLU B 98 25.59 -4.48 14.42
N GLU B 99 25.40 -3.98 13.20
CA GLU B 99 25.92 -4.58 11.97
C GLU B 99 27.37 -4.24 11.66
N ASP B 100 27.98 -3.29 12.37
CA ASP B 100 29.28 -2.76 11.99
C ASP B 100 30.28 -2.89 13.13
N LYS B 101 31.46 -3.43 12.79
CA LYS B 101 32.48 -3.68 13.82
C LYS B 101 32.88 -2.40 14.51
N HIS B 102 33.11 -1.34 13.75
CA HIS B 102 33.57 -0.06 14.26
C HIS B 102 32.49 1.00 14.06
N ALA B 103 32.56 2.04 14.89
CA ALA B 103 31.66 3.18 14.71
C ALA B 103 31.87 3.79 13.33
N ILE B 104 30.78 4.27 12.74
CA ILE B 104 30.85 4.96 11.45
C ILE B 104 30.97 6.45 11.76
N ILE B 105 32.00 7.10 11.22
CA ILE B 105 32.24 8.53 11.40
C ILE B 105 31.69 9.25 10.18
N VAL B 106 30.77 10.18 10.40
CA VAL B 106 30.14 10.91 9.29
C VAL B 106 31.16 11.84 8.65
N GLU B 107 31.13 11.93 7.33
CA GLU B 107 32.08 12.80 6.66
C GLU B 107 31.81 14.26 7.03
N PRO B 108 32.86 15.10 7.03
CA PRO B 108 32.72 16.46 7.60
C PRO B 108 31.57 17.29 7.05
N GLU B 109 31.32 17.25 5.74
CA GLU B 109 30.30 18.12 5.19
C GLU B 109 28.89 17.73 5.63
N LYS B 110 28.70 16.53 6.15
CA LYS B 110 27.37 16.07 6.58
C LYS B 110 27.27 15.94 8.09
N ARG B 111 28.23 16.48 8.84
CA ARG B 111 28.26 16.29 10.28
C ARG B 111 27.30 17.18 11.02
N GLY B 112 26.52 16.57 11.91
CA GLY B 112 25.79 17.27 12.94
C GLY B 112 26.32 16.90 14.32
N LYS B 113 25.55 17.24 15.34
CA LYS B 113 26.04 17.16 16.71
C LYS B 113 25.65 15.88 17.45
N TYR B 114 24.91 14.96 16.82
CA TYR B 114 24.35 13.83 17.54
C TYR B 114 25.07 12.53 17.23
N VAL B 115 25.04 11.63 18.22
CA VAL B 115 25.57 10.27 18.14
C VAL B 115 24.39 9.31 18.19
N VAL B 116 24.31 8.37 17.24
CA VAL B 116 23.20 7.43 17.22
C VAL B 116 23.75 6.00 17.31
N CYS B 117 23.25 5.24 18.27
CA CYS B 117 23.51 3.80 18.36
C CYS B 117 22.22 3.09 18.03
N PHE B 118 22.27 2.11 17.13
CA PHE B 118 21.03 1.46 16.73
C PHE B 118 21.26 -0.01 16.38
N ASP B 119 20.19 -0.78 16.51
CA ASP B 119 20.13 -2.15 16.02
C ASP B 119 19.11 -2.15 14.90
N PRO B 120 19.53 -2.19 13.62
CA PRO B 120 18.59 -1.88 12.54
C PRO B 120 17.49 -2.90 12.36
N LEU B 121 17.74 -4.19 12.60
CA LEU B 121 16.67 -5.19 12.52
C LEU B 121 16.86 -6.23 13.63
N ASP B 122 16.61 -5.80 14.86
CA ASP B 122 16.71 -6.68 16.01
C ASP B 122 15.77 -7.87 15.88
N GLY B 123 16.28 -9.06 16.18
CA GLY B 123 15.53 -10.29 16.07
C GLY B 123 15.58 -10.96 14.72
N SER B 124 16.29 -10.40 13.75
CA SER B 124 16.22 -10.87 12.37
C SER B 124 16.81 -12.26 12.20
N SER B 125 17.60 -12.74 13.16
CA SER B 125 18.18 -14.07 13.02
C SER B 125 17.09 -15.15 12.92
N ASN B 126 15.87 -14.87 13.38
CA ASN B 126 14.75 -15.81 13.30
C ASN B 126 13.64 -15.32 12.38
N ILE B 127 13.91 -14.35 11.48
CA ILE B 127 12.87 -13.81 10.63
C ILE B 127 12.34 -14.81 9.61
N ASP B 128 13.04 -15.92 9.40
CA ASP B 128 12.54 -16.98 8.52
C ASP B 128 11.26 -17.60 9.03
N CYS B 129 10.97 -17.48 10.32
CA CYS B 129 9.67 -17.92 10.82
C CYS B 129 8.73 -16.76 11.02
N LEU B 130 9.06 -15.58 10.46
CA LEU B 130 8.20 -14.39 10.49
C LEU B 130 7.94 -13.90 11.91
N VAL B 131 8.88 -14.14 12.81
CA VAL B 131 8.79 -13.55 14.14
C VAL B 131 8.77 -12.02 14.02
N SER B 132 8.08 -11.37 14.95
CA SER B 132 8.20 -9.92 15.06
C SER B 132 9.66 -9.52 15.11
N VAL B 133 10.00 -8.45 14.39
CA VAL B 133 11.33 -7.86 14.47
C VAL B 133 11.18 -6.36 14.73
N GLY B 134 12.31 -5.67 14.93
CA GLY B 134 12.22 -4.26 15.27
C GLY B 134 13.51 -3.50 15.05
N THR B 135 13.41 -2.18 15.16
CA THR B 135 14.57 -1.28 15.08
C THR B 135 14.68 -0.54 16.41
N ILE B 136 15.86 -0.56 17.03
CA ILE B 136 16.12 0.06 18.32
C ILE B 136 17.13 1.18 18.13
N PHE B 137 16.93 2.32 18.79
CA PHE B 137 17.87 3.43 18.62
C PHE B 137 18.00 4.23 19.91
N GLY B 138 19.20 4.78 20.11
CA GLY B 138 19.46 5.69 21.21
C GLY B 138 20.30 6.86 20.71
N ILE B 139 19.95 8.09 21.12
CA ILE B 139 20.53 9.31 20.56
C ILE B 139 21.24 10.08 21.66
N TYR B 140 22.54 10.33 21.46
CA TYR B 140 23.35 11.12 22.37
C TYR B 140 23.81 12.41 21.68
N ARG B 141 24.03 13.45 22.48
CA ARG B 141 24.71 14.65 21.98
C ARG B 141 26.22 14.47 22.13
N LYS B 142 26.98 14.82 21.09
CA LYS B 142 28.43 14.79 21.22
C LYS B 142 28.90 15.84 22.22
N LYS B 143 29.66 15.39 23.22
CA LYS B 143 29.98 16.22 24.37
C LYS B 143 31.29 16.98 24.21
N SER B 144 32.23 16.45 23.44
CA SER B 144 33.56 17.02 23.29
C SER B 144 33.67 17.84 22.01
N THR B 145 34.69 18.69 21.98
CA THR B 145 35.04 19.46 20.78
C THR B 145 36.08 18.77 19.92
N ASP B 146 36.56 17.59 20.32
CA ASP B 146 37.51 16.81 19.54
C ASP B 146 36.87 16.34 18.22
N GLU B 147 37.72 15.88 17.30
CA GLU B 147 37.20 15.24 16.09
C GLU B 147 36.34 14.03 16.48
N PRO B 148 35.18 13.84 15.84
CA PRO B 148 34.30 12.73 16.23
C PRO B 148 35.00 11.39 16.07
N SER B 149 34.72 10.48 17.01
CA SER B 149 35.38 9.18 17.02
C SER B 149 34.49 8.17 17.74
N GLU B 150 34.92 6.90 17.69
CA GLU B 150 34.17 5.83 18.34
C GLU B 150 33.95 6.11 19.83
N LYS B 151 34.91 6.77 20.48
CA LYS B 151 34.80 7.06 21.91
C LYS B 151 33.62 7.95 22.25
N ASP B 152 33.10 8.73 21.30
CA ASP B 152 31.95 9.58 21.60
C ASP B 152 30.69 8.77 21.89
N ALA B 153 30.63 7.51 21.47
CA ALA B 153 29.47 6.67 21.79
C ALA B 153 29.61 5.96 23.12
N LEU B 154 30.79 6.05 23.75
CA LEU B 154 31.02 5.40 25.04
C LEU B 154 30.51 6.30 26.17
N GLN B 155 29.19 6.54 26.16
CA GLN B 155 28.48 7.30 27.18
C GLN B 155 27.48 6.41 27.93
N PRO B 156 27.24 6.69 29.22
CA PRO B 156 26.18 5.96 29.93
C PRO B 156 24.81 6.36 29.42
N GLY B 157 23.87 5.42 29.50
CA GLY B 157 22.51 5.68 29.06
C GLY B 157 21.87 6.87 29.75
N ARG B 158 22.34 7.23 30.94
CA ARG B 158 21.88 8.45 31.61
C ARG B 158 21.96 9.67 30.69
N ASN B 159 22.91 9.67 29.75
CA ASN B 159 23.16 10.81 28.88
C ASN B 159 22.24 10.85 27.66
N LEU B 160 21.31 9.90 27.52
CA LEU B 160 20.50 9.87 26.32
C LEU B 160 19.60 11.10 26.20
N VAL B 161 19.52 11.61 24.98
CA VAL B 161 18.62 12.70 24.65
C VAL B 161 17.26 12.16 24.19
N ALA B 162 17.26 11.01 23.53
CA ALA B 162 16.03 10.39 23.06
C ALA B 162 16.34 8.93 22.75
N ALA B 163 15.32 8.09 22.87
CA ALA B 163 15.50 6.68 22.54
C ALA B 163 14.15 6.06 22.24
N GLY B 164 14.18 4.88 21.63
CA GLY B 164 12.95 4.16 21.38
C GLY B 164 13.16 3.06 20.38
N TYR B 165 12.07 2.65 19.76
CA TYR B 165 12.14 1.53 18.86
C TYR B 165 10.96 1.56 17.90
N ALA B 166 11.13 0.91 16.77
CA ALA B 166 10.04 0.57 15.89
C ALA B 166 9.81 -0.93 16.02
N LEU B 167 8.56 -1.32 16.22
CA LEU B 167 8.20 -2.73 16.28
C LEU B 167 7.49 -3.09 14.99
N TYR B 168 8.02 -4.06 14.25
CA TYR B 168 7.32 -4.59 13.07
C TYR B 168 6.64 -5.88 13.50
N GLY B 169 5.47 -5.71 14.13
CA GLY B 169 4.69 -6.84 14.59
C GLY B 169 3.42 -7.00 13.76
N SER B 170 2.29 -7.26 14.41
CA SER B 170 1.03 -7.33 13.67
C SER B 170 0.76 -6.02 12.95
N ALA B 171 1.13 -4.90 13.58
CA ALA B 171 1.24 -3.62 12.92
C ALA B 171 2.61 -3.06 13.25
N THR B 172 2.96 -1.96 12.60
CA THR B 172 4.22 -1.28 12.84
C THR B 172 3.99 -0.09 13.77
N MET B 173 4.71 -0.06 14.89
CA MET B 173 4.57 1.02 15.87
C MET B 173 5.93 1.57 16.25
N LEU B 174 6.01 2.90 16.33
CA LEU B 174 7.20 3.58 16.81
C LEU B 174 6.92 4.09 18.21
N VAL B 175 7.78 3.69 19.16
CA VAL B 175 7.72 4.16 20.54
C VAL B 175 8.90 5.09 20.74
N LEU B 176 8.63 6.35 21.08
CA LEU B 176 9.65 7.38 21.22
C LEU B 176 9.65 7.89 22.67
N ALA B 177 10.78 7.77 23.34
CA ALA B 177 10.96 8.25 24.70
C ALA B 177 11.87 9.46 24.66
N MET B 178 11.45 10.52 25.33
CA MET B 178 12.27 11.71 25.50
C MET B 178 12.01 12.23 26.91
N ASP B 179 12.57 13.41 27.20
CA ASP B 179 12.37 14.01 28.51
C ASP B 179 10.88 14.20 28.81
N CYS B 180 10.08 14.53 27.78
CA CYS B 180 8.65 14.75 28.00
C CYS B 180 7.86 13.46 28.25
N GLY B 181 8.48 12.29 28.15
CA GLY B 181 7.80 11.02 28.33
C GLY B 181 7.86 10.10 27.13
N VAL B 182 6.99 9.09 27.14
CA VAL B 182 6.94 8.04 26.12
C VAL B 182 5.68 8.21 25.28
N ASN B 183 5.83 8.20 23.96
CA ASN B 183 4.69 8.34 23.08
C ASN B 183 4.74 7.26 22.00
N CYS B 184 3.57 6.72 21.66
CA CYS B 184 3.44 5.61 20.74
C CYS B 184 2.70 6.03 19.49
N PHE B 185 3.33 5.77 18.34
CA PHE B 185 2.83 6.19 17.04
C PHE B 185 2.61 4.94 16.20
N MET B 186 1.40 4.78 15.69
CA MET B 186 1.09 3.66 14.81
C MET B 186 1.38 4.07 13.37
N LEU B 187 2.12 3.24 12.64
CA LEU B 187 2.29 3.51 11.21
C LEU B 187 1.00 3.16 10.49
N ASP B 188 0.39 4.16 9.81
CA ASP B 188 -0.72 3.91 8.91
C ASP B 188 -0.13 3.68 7.53
N PRO B 189 -0.01 2.43 7.09
CA PRO B 189 0.63 2.17 5.79
C PRO B 189 -0.19 2.68 4.61
N ALA B 190 -1.48 2.99 4.78
CA ALA B 190 -2.22 3.56 3.66
C ALA B 190 -1.65 4.90 3.24
N ILE B 191 -1.11 5.69 4.17
CA ILE B 191 -0.66 7.04 3.88
C ILE B 191 0.77 7.29 4.29
N GLY B 192 1.46 6.29 4.85
CA GLY B 192 2.83 6.45 5.30
C GLY B 192 3.02 7.51 6.36
N GLU B 193 2.16 7.50 7.37
CA GLU B 193 2.24 8.42 8.50
C GLU B 193 2.22 7.65 9.81
N PHE B 194 3.05 8.11 10.75
CA PHE B 194 3.01 7.67 12.14
C PHE B 194 2.00 8.51 12.90
N ILE B 195 0.92 7.88 13.34
CA ILE B 195 -0.20 8.56 14.01
C ILE B 195 -0.04 8.37 15.51
N LEU B 196 -0.08 9.45 16.27
CA LEU B 196 0.01 9.32 17.72
C LEU B 196 -1.22 8.63 18.28
N VAL B 197 -1.05 7.46 18.90
CA VAL B 197 -2.19 6.73 19.42
C VAL B 197 -2.13 6.52 20.92
N ASP B 198 -0.97 6.71 21.56
CA ASP B 198 -0.82 6.56 23.02
C ASP B 198 0.10 7.65 23.51
N LYS B 199 -0.43 8.59 24.30
CA LYS B 199 0.33 9.74 24.76
C LYS B 199 0.83 9.53 26.18
N ASP B 200 2.07 9.96 26.44
CA ASP B 200 2.65 10.00 27.79
C ASP B 200 2.41 8.69 28.54
N VAL B 201 2.89 7.60 27.92
CA VAL B 201 2.59 6.25 28.37
C VAL B 201 3.31 5.96 29.68
N LYS B 202 2.63 5.25 30.59
CA LYS B 202 3.22 4.78 31.84
C LYS B 202 2.94 3.30 31.99
N ILE B 203 3.94 2.55 32.45
CA ILE B 203 3.79 1.12 32.63
C ILE B 203 3.06 0.85 33.94
N LYS B 204 2.33 -0.26 33.97
CA LYS B 204 1.69 -0.71 35.20
C LYS B 204 2.73 -0.85 36.30
N LYS B 205 2.32 -0.54 37.53
CA LYS B 205 3.22 -0.71 38.68
C LYS B 205 3.63 -2.16 38.86
N LYS B 206 2.74 -3.09 38.54
CA LYS B 206 3.03 -4.51 38.67
C LYS B 206 2.24 -5.25 37.60
N GLY B 207 2.89 -6.25 36.98
CA GLY B 207 2.27 -7.04 35.94
C GLY B 207 2.01 -8.47 36.39
N LYS B 208 1.63 -9.31 35.42
CA LYS B 208 1.30 -10.71 35.64
C LYS B 208 1.93 -11.63 34.60
N ILE B 209 3.00 -11.17 33.94
CA ILE B 209 3.70 -11.94 32.92
C ILE B 209 5.19 -11.79 33.19
N TYR B 210 5.94 -12.91 33.12
CA TYR B 210 7.40 -12.88 33.13
C TYR B 210 7.91 -13.44 31.81
N SER B 211 9.07 -12.93 31.37
CA SER B 211 9.55 -13.21 30.03
C SER B 211 11.06 -13.43 30.08
N LEU B 212 11.51 -14.66 29.80
CA LEU B 212 12.93 -15.02 29.67
C LEU B 212 13.01 -16.41 29.06
N ASN B 213 14.19 -16.75 28.57
CA ASN B 213 14.43 -18.07 27.98
C ASN B 213 14.69 -19.06 29.11
N GLU B 214 13.68 -19.86 29.48
CA GLU B 214 13.89 -20.84 30.53
C GLU B 214 14.67 -22.06 30.04
N GLY B 215 14.99 -22.12 28.75
CA GLY B 215 15.86 -23.17 28.26
C GLY B 215 17.23 -23.16 28.91
N TYR B 216 17.67 -22.02 29.43
CA TYR B 216 18.94 -21.91 30.14
C TYR B 216 18.83 -22.11 31.63
N ALA B 217 17.79 -22.82 32.11
CA ALA B 217 17.59 -22.94 33.54
C ALA B 217 18.78 -23.61 34.22
N LYS B 218 19.45 -24.53 33.54
CA LYS B 218 20.61 -25.20 34.12
C LYS B 218 21.74 -24.21 34.39
N ASP B 219 21.78 -23.10 33.64
CA ASP B 219 22.82 -22.11 33.77
C ASP B 219 22.43 -20.93 34.63
N PHE B 220 21.16 -20.85 35.05
CA PHE B 220 20.70 -19.69 35.81
C PHE B 220 21.52 -19.49 37.07
N ASP B 221 21.76 -18.22 37.39
CA ASP B 221 22.22 -17.89 38.73
C ASP B 221 21.11 -18.22 39.73
N PRO B 222 21.47 -18.54 40.98
CA PRO B 222 20.43 -18.91 41.97
C PRO B 222 19.36 -17.85 42.16
N ALA B 223 19.71 -16.57 42.04
CA ALA B 223 18.71 -15.52 42.24
C ALA B 223 17.64 -15.57 41.16
N VAL B 224 18.03 -15.79 39.90
CA VAL B 224 17.04 -15.93 38.83
C VAL B 224 16.18 -17.16 39.06
N THR B 225 16.82 -18.28 39.41
CA THR B 225 16.11 -19.52 39.68
C THR B 225 15.02 -19.32 40.73
N GLU B 226 15.37 -18.65 41.83
CA GLU B 226 14.41 -18.40 42.90
C GLU B 226 13.29 -17.47 42.45
N TYR B 227 13.65 -16.39 41.74
CA TYR B 227 12.62 -15.45 41.29
C TYR B 227 11.61 -16.13 40.39
N ILE B 228 12.05 -16.98 39.47
CA ILE B 228 11.13 -17.66 38.59
C ILE B 228 10.26 -18.64 39.38
N GLN B 229 10.85 -19.28 40.40
CA GLN B 229 10.04 -20.11 41.30
C GLN B 229 8.93 -19.32 41.95
N ARG B 230 9.21 -18.08 42.37
CA ARG B 230 8.17 -17.25 42.99
C ARG B 230 7.05 -16.94 42.00
N LYS B 231 7.38 -16.84 40.72
CA LYS B 231 6.38 -16.55 39.71
C LYS B 231 5.46 -17.73 39.47
N LYS B 232 5.98 -18.94 39.58
CA LYS B 232 5.18 -20.14 39.37
C LYS B 232 4.45 -20.57 40.63
N PHE B 233 5.04 -20.36 41.80
CA PHE B 233 4.51 -20.78 43.10
C PHE B 233 4.49 -19.57 44.03
N PRO B 234 3.51 -18.67 43.87
CA PRO B 234 3.55 -17.38 44.59
C PRO B 234 3.46 -17.56 46.09
N PRO B 235 4.36 -16.89 46.83
CA PRO B 235 4.37 -17.02 48.30
C PRO B 235 3.24 -16.28 49.01
N ASP B 236 2.52 -15.40 48.33
CA ASP B 236 1.43 -14.64 48.94
C ASP B 236 0.05 -15.08 48.49
N ASN B 237 -0.08 -16.29 47.93
CA ASN B 237 -1.35 -16.86 47.44
C ASN B 237 -1.95 -16.12 46.25
N SER B 238 -1.20 -15.26 45.58
CA SER B 238 -1.69 -14.72 44.33
C SER B 238 -1.58 -15.79 43.23
N ALA B 239 -2.21 -15.52 42.10
CA ALA B 239 -2.16 -16.48 41.00
C ALA B 239 -0.76 -16.45 40.34
N PRO B 240 -0.29 -17.60 39.86
CA PRO B 240 1.00 -17.62 39.16
C PRO B 240 0.97 -16.70 37.95
N TYR B 241 2.13 -16.10 37.64
CA TYR B 241 2.28 -15.33 36.43
C TYR B 241 2.19 -16.22 35.19
N GLY B 242 1.65 -15.67 34.12
CA GLY B 242 1.83 -16.28 32.82
C GLY B 242 3.23 -16.03 32.27
N ALA B 243 3.67 -16.91 31.39
CA ALA B 243 4.97 -16.77 30.74
C ALA B 243 4.80 -16.50 29.25
N ARG B 244 5.60 -15.58 28.73
CA ARG B 244 5.66 -15.29 27.31
C ARG B 244 7.11 -15.03 26.96
N TYR B 245 7.59 -15.62 25.87
CA TYR B 245 8.94 -15.29 25.42
C TYR B 245 8.98 -15.45 23.91
N VAL B 246 8.88 -14.33 23.20
CA VAL B 246 8.88 -14.34 21.75
C VAL B 246 10.27 -14.68 21.23
N GLY B 247 11.30 -14.23 21.92
CA GLY B 247 12.67 -14.36 21.46
C GLY B 247 13.14 -13.21 20.61
N SER B 248 12.33 -12.17 20.46
CA SER B 248 12.71 -10.95 19.77
C SER B 248 12.56 -9.84 20.78
N MET B 249 13.68 -9.16 21.10
CA MET B 249 13.68 -8.26 22.26
C MET B 249 12.62 -7.17 22.12
N VAL B 250 12.45 -6.61 20.93
CA VAL B 250 11.49 -5.52 20.75
C VAL B 250 10.08 -6.02 21.02
N ALA B 251 9.76 -7.19 20.52
CA ALA B 251 8.43 -7.74 20.76
C ALA B 251 8.20 -7.98 22.25
N ASP B 252 9.18 -8.57 22.95
CA ASP B 252 8.97 -8.88 24.36
C ASP B 252 8.92 -7.62 25.21
N VAL B 253 9.80 -6.66 24.93
CA VAL B 253 9.81 -5.42 25.70
C VAL B 253 8.52 -4.63 25.43
N HIS B 254 8.03 -4.60 24.20
CA HIS B 254 6.81 -3.84 23.94
C HIS B 254 5.61 -4.42 24.67
N ARG B 255 5.47 -5.75 24.68
CA ARG B 255 4.44 -6.36 25.51
C ARG B 255 4.62 -5.98 26.97
N THR B 256 5.87 -5.96 27.45
CA THR B 256 6.12 -5.56 28.83
C THR B 256 5.64 -4.15 29.10
N LEU B 257 5.86 -3.23 28.14
CA LEU B 257 5.36 -1.86 28.27
C LEU B 257 3.83 -1.81 28.27
N VAL B 258 3.20 -2.58 27.39
CA VAL B 258 1.75 -2.47 27.20
C VAL B 258 1.00 -3.18 28.33
N TYR B 259 1.44 -4.38 28.72
CA TYR B 259 0.66 -5.19 29.67
C TYR B 259 1.25 -5.18 31.07
N GLY B 260 2.48 -4.69 31.23
CA GLY B 260 3.17 -4.81 32.48
C GLY B 260 3.89 -6.15 32.56
N GLY B 261 4.63 -6.31 33.64
CA GLY B 261 5.38 -7.53 33.87
C GLY B 261 6.88 -7.27 33.86
N ILE B 262 7.62 -8.32 33.53
CA ILE B 262 9.07 -8.31 33.66
C ILE B 262 9.70 -9.09 32.52
N PHE B 263 10.81 -8.55 32.00
CA PHE B 263 11.59 -9.19 30.95
C PHE B 263 13.00 -9.38 31.48
N LEU B 264 13.58 -10.57 31.26
CA LEU B 264 14.89 -10.88 31.80
C LEU B 264 15.78 -11.47 30.73
N TYR B 265 16.97 -10.94 30.59
CA TYR B 265 18.04 -11.64 29.87
C TYR B 265 19.27 -11.59 30.76
N PRO B 266 19.34 -12.49 31.75
CA PRO B 266 20.45 -12.49 32.71
C PRO B 266 21.62 -13.29 32.16
N ALA B 267 22.73 -13.22 32.89
CA ALA B 267 23.91 -13.97 32.52
C ALA B 267 23.69 -15.48 32.61
N ASN B 268 24.40 -16.22 31.76
CA ASN B 268 24.48 -17.68 31.81
C ASN B 268 25.91 -18.07 31.45
N LYS B 269 26.17 -19.38 31.34
CA LYS B 269 27.54 -19.81 31.08
C LYS B 269 27.98 -19.53 29.65
N LYS B 270 27.05 -19.51 28.69
CA LYS B 270 27.43 -19.05 27.36
C LYS B 270 27.67 -17.55 27.33
N SER B 271 27.02 -16.81 28.22
CA SER B 271 27.10 -15.35 28.23
C SER B 271 27.19 -14.84 29.67
N PRO B 272 28.38 -14.89 30.27
CA PRO B 272 28.53 -14.47 31.67
C PRO B 272 28.31 -12.97 31.90
N ASN B 273 28.31 -12.15 30.85
CA ASN B 273 27.97 -10.74 30.93
C ASN B 273 26.61 -10.46 30.28
N GLY B 274 25.78 -11.49 30.18
CA GLY B 274 24.57 -11.43 29.40
C GLY B 274 24.85 -11.53 27.91
N LYS B 275 23.78 -11.51 27.14
CA LYS B 275 23.86 -11.62 25.70
C LYS B 275 23.49 -10.34 24.97
N LEU B 276 22.55 -9.56 25.47
CA LEU B 276 22.13 -8.35 24.80
C LEU B 276 23.19 -7.27 24.87
N ARG B 277 23.19 -6.39 23.87
CA ARG B 277 24.24 -5.39 23.72
C ARG B 277 23.85 -4.12 24.47
N LEU B 278 24.79 -3.58 25.25
CA LEU B 278 24.46 -2.44 26.11
C LEU B 278 24.04 -1.23 25.29
N LEU B 279 24.81 -0.85 24.27
CA LEU B 279 24.66 0.48 23.67
C LEU B 279 23.35 0.62 22.89
N TYR B 280 22.94 -0.43 22.15
CA TYR B 280 21.86 -0.28 21.21
C TYR B 280 20.74 -1.29 21.38
N GLU B 281 20.73 -2.04 22.49
CA GLU B 281 19.58 -2.84 22.88
C GLU B 281 19.19 -2.46 24.31
N CYS B 282 20.12 -2.63 25.26
CA CYS B 282 19.76 -2.47 26.67
C CYS B 282 19.48 -1.02 27.02
N ASN B 283 20.43 -0.12 26.70
CA ASN B 283 20.23 1.30 27.04
C ASN B 283 18.96 1.89 26.45
N PRO B 284 18.67 1.74 25.15
CA PRO B 284 17.41 2.34 24.65
C PRO B 284 16.17 1.81 25.37
N MET B 285 16.09 0.50 25.59
CA MET B 285 14.95 -0.06 26.30
C MET B 285 14.92 0.37 27.77
N ALA B 286 16.09 0.45 28.42
CA ALA B 286 16.12 0.93 29.79
C ALA B 286 15.59 2.35 29.88
N TYR B 287 15.94 3.18 28.89
CA TYR B 287 15.51 4.57 28.88
C TYR B 287 14.02 4.69 28.64
N VAL B 288 13.47 3.92 27.71
CA VAL B 288 12.00 3.90 27.53
C VAL B 288 11.33 3.46 28.82
N MET B 289 11.82 2.39 29.43
CA MET B 289 11.21 1.89 30.67
C MET B 289 11.21 2.98 31.74
N GLU B 290 12.36 3.61 32.00
CA GLU B 290 12.42 4.61 33.05
C GLU B 290 11.55 5.82 32.72
N LYS B 291 11.50 6.22 31.45
CA LYS B 291 10.62 7.32 31.11
C LYS B 291 9.16 6.96 31.29
N ALA B 292 8.81 5.67 31.27
CA ALA B 292 7.45 5.21 31.52
C ALA B 292 7.19 4.84 32.97
N GLY B 293 8.07 5.20 33.90
CA GLY B 293 7.89 4.82 35.29
C GLY B 293 8.26 3.39 35.59
N GLY B 294 8.99 2.73 34.68
CA GLY B 294 9.48 1.40 34.89
C GLY B 294 10.91 1.39 35.37
N MET B 295 11.50 0.20 35.36
CA MET B 295 12.87 0.02 35.84
C MET B 295 13.62 -0.90 34.89
N ALA B 296 14.94 -0.79 34.95
CA ALA B 296 15.86 -1.64 34.19
C ALA B 296 17.18 -1.71 34.92
N THR B 297 17.57 -2.91 35.32
CA THR B 297 18.74 -3.14 36.14
C THR B 297 19.57 -4.26 35.54
N THR B 298 20.88 -4.24 35.79
CA THR B 298 21.72 -5.40 35.48
C THR B 298 21.70 -6.44 36.58
N GLY B 299 21.08 -6.13 37.71
CA GLY B 299 21.22 -6.92 38.92
C GLY B 299 22.05 -6.17 39.93
N LYS B 300 23.16 -5.57 39.48
CA LYS B 300 24.05 -4.82 40.35
C LYS B 300 23.88 -3.31 40.27
N GLU B 301 23.31 -2.79 39.18
CA GLU B 301 23.11 -1.36 39.02
C GLU B 301 22.07 -1.10 37.93
N ALA B 302 21.61 0.14 37.86
CA ALA B 302 20.76 0.55 36.75
C ALA B 302 21.54 0.44 35.45
N VAL B 303 20.91 -0.17 34.43
CA VAL B 303 21.50 -0.23 33.09
C VAL B 303 22.02 1.14 32.66
N LEU B 304 21.20 2.17 32.84
CA LEU B 304 21.55 3.51 32.39
C LEU B 304 22.74 4.10 33.12
N ASP B 305 23.20 3.49 34.21
CA ASP B 305 24.38 3.96 34.92
C ASP B 305 25.65 3.23 34.52
N VAL B 306 25.56 2.14 33.74
CA VAL B 306 26.77 1.47 33.28
C VAL B 306 27.53 2.41 32.37
N ILE B 307 28.83 2.55 32.62
CA ILE B 307 29.71 3.33 31.76
C ILE B 307 30.41 2.37 30.80
N PRO B 308 30.09 2.40 29.51
CA PRO B 308 30.67 1.41 28.59
C PRO B 308 32.12 1.72 28.25
N THR B 309 32.87 0.65 27.95
CA THR B 309 34.22 0.76 27.41
C THR B 309 34.38 0.14 26.02
N ASP B 310 33.36 -0.56 25.52
CA ASP B 310 33.41 -1.14 24.18
C ASP B 310 32.03 -1.01 23.57
N ILE B 311 31.96 -0.53 22.33
CA ILE B 311 30.65 -0.21 21.76
C ILE B 311 29.77 -1.44 21.58
N HIS B 312 30.36 -2.64 21.53
CA HIS B 312 29.61 -3.88 21.38
C HIS B 312 29.55 -4.68 22.67
N GLN B 313 29.79 -4.05 23.82
CA GLN B 313 29.84 -4.80 25.05
C GLN B 313 28.43 -5.26 25.43
N ARG B 314 28.36 -6.39 26.11
CA ARG B 314 27.10 -6.99 26.52
C ARG B 314 26.75 -6.57 27.95
N ALA B 315 25.46 -6.68 28.28
CA ALA B 315 25.02 -6.42 29.63
C ALA B 315 23.81 -7.30 29.95
N PRO B 316 23.71 -7.82 31.17
CA PRO B 316 22.45 -8.45 31.58
C PRO B 316 21.40 -7.38 31.75
N VAL B 317 20.14 -7.77 31.58
CA VAL B 317 19.06 -6.80 31.68
C VAL B 317 17.84 -7.47 32.30
N ILE B 318 17.28 -6.81 33.31
CA ILE B 318 16.00 -7.15 33.92
C ILE B 318 15.19 -5.86 33.97
N LEU B 319 14.05 -5.84 33.28
CA LEU B 319 13.33 -4.59 33.13
C LEU B 319 11.83 -4.84 33.19
N GLY B 320 11.10 -3.77 33.42
CA GLY B 320 9.65 -3.84 33.38
C GLY B 320 8.98 -3.07 34.50
N SER B 321 7.84 -3.58 34.96
CA SER B 321 7.06 -2.88 35.99
C SER B 321 7.89 -2.70 37.26
N PRO B 322 7.80 -1.54 37.93
CA PRO B 322 8.70 -1.30 39.06
C PRO B 322 8.56 -2.29 40.21
N ASP B 323 7.32 -2.64 40.58
CA ASP B 323 7.14 -3.66 41.62
C ASP B 323 7.77 -4.99 41.25
N ASP B 324 7.71 -5.36 39.95
CA ASP B 324 8.28 -6.64 39.54
C ASP B 324 9.79 -6.62 39.58
N VAL B 325 10.41 -5.56 39.05
CA VAL B 325 11.87 -5.47 39.07
C VAL B 325 12.38 -5.45 40.51
N LEU B 326 11.71 -4.66 41.37
CA LEU B 326 12.10 -4.57 42.77
C LEU B 326 12.02 -5.93 43.45
N GLU B 327 11.01 -6.72 43.11
CA GLU B 327 10.94 -8.06 43.67
C GLU B 327 12.15 -8.90 43.25
N PHE B 328 12.51 -8.84 41.96
CA PHE B 328 13.72 -9.54 41.53
C PHE B 328 14.95 -9.04 42.28
N LEU B 329 15.07 -7.73 42.44
CA LEU B 329 16.24 -7.17 43.13
C LEU B 329 16.26 -7.59 44.59
N LYS B 330 15.08 -7.72 45.20
CA LYS B 330 15.00 -8.22 46.56
C LYS B 330 15.57 -9.62 46.65
N VAL B 331 15.19 -10.49 45.70
CA VAL B 331 15.76 -11.84 45.66
C VAL B 331 17.25 -11.77 45.37
N TYR B 332 17.65 -10.88 44.45
CA TYR B 332 19.05 -10.78 44.06
C TYR B 332 19.92 -10.39 45.24
N GLU B 333 19.50 -9.37 46.01
CA GLU B 333 20.24 -8.95 47.19
C GLU B 333 20.32 -10.07 48.22
N LYS B 334 19.30 -10.92 48.28
CA LYS B 334 19.33 -12.05 49.23
C LYS B 334 20.49 -12.97 48.93
N HIS B 335 20.84 -13.14 47.66
CA HIS B 335 21.99 -13.94 47.25
C HIS B 335 23.26 -13.11 47.14
N SER B 336 23.30 -11.94 47.78
CA SER B 336 24.43 -11.02 47.79
C SER B 336 24.55 -10.24 46.47
N ASP C 10 -24.24 -8.94 -3.76
CA ASP C 10 -23.06 -9.57 -3.20
C ASP C 10 -21.77 -9.05 -3.85
N VAL C 11 -20.75 -8.88 -3.02
CA VAL C 11 -19.46 -8.42 -3.53
C VAL C 11 -18.94 -9.43 -4.55
N ASN C 12 -18.29 -8.91 -5.58
CA ASN C 12 -17.75 -9.74 -6.64
C ASN C 12 -16.39 -9.21 -7.04
N THR C 13 -15.43 -10.11 -7.21
CA THR C 13 -14.10 -9.75 -7.67
C THR C 13 -13.90 -10.27 -9.08
N LEU C 14 -12.90 -9.71 -9.76
CA LEU C 14 -12.58 -10.21 -11.10
C LEU C 14 -12.34 -11.71 -11.08
N THR C 15 -11.57 -12.18 -10.09
CA THR C 15 -11.26 -13.61 -9.97
C THR C 15 -12.52 -14.44 -9.85
N ARG C 16 -13.42 -14.08 -8.94
CA ARG C 16 -14.66 -14.82 -8.78
C ARG C 16 -15.53 -14.71 -10.01
N PHE C 17 -15.58 -13.52 -10.62
CA PHE C 17 -16.45 -13.29 -11.77
C PHE C 17 -16.10 -14.21 -12.94
N VAL C 18 -14.82 -14.27 -13.32
CA VAL C 18 -14.50 -15.04 -14.53
C VAL C 18 -14.66 -16.53 -14.25
N MET C 19 -14.29 -16.97 -13.05
CA MET C 19 -14.49 -18.36 -12.67
C MET C 19 -15.95 -18.76 -12.80
N GLU C 20 -16.86 -17.88 -12.38
CA GLU C 20 -18.29 -18.20 -12.46
C GLU C 20 -18.80 -18.13 -13.90
N GLU C 21 -18.31 -17.18 -14.70
CA GLU C 21 -18.68 -17.17 -16.12
C GLU C 21 -18.20 -18.43 -16.82
N GLY C 22 -17.01 -18.92 -16.44
CA GLY C 22 -16.48 -20.13 -17.05
C GLY C 22 -17.26 -21.37 -16.66
N ARG C 23 -17.68 -21.47 -15.40
CA ARG C 23 -18.51 -22.60 -14.98
C ARG C 23 -19.84 -22.59 -15.71
N LYS C 24 -20.42 -21.40 -15.91
CA LYS C 24 -21.61 -21.30 -16.74
C LYS C 24 -21.38 -21.87 -18.12
N ALA C 25 -20.24 -21.56 -18.72
CA ALA C 25 -19.94 -21.99 -20.08
C ALA C 25 -19.35 -23.40 -20.16
N ARG C 26 -19.18 -24.09 -19.04
CA ARG C 26 -18.60 -25.44 -18.97
C ARG C 26 -17.15 -25.46 -19.48
N GLY C 27 -16.39 -24.39 -19.25
CA GLY C 27 -15.03 -24.32 -19.75
C GLY C 27 -14.03 -25.09 -18.93
N THR C 28 -12.86 -25.31 -19.55
CA THR C 28 -11.77 -26.05 -18.92
C THR C 28 -10.94 -25.22 -17.96
N GLY C 29 -11.19 -23.92 -17.87
CA GLY C 29 -10.44 -23.05 -16.99
C GLY C 29 -9.26 -22.34 -17.62
N GLU C 30 -8.95 -22.62 -18.89
CA GLU C 30 -7.74 -22.06 -19.50
C GLU C 30 -7.83 -20.54 -19.69
N LEU C 31 -8.98 -20.04 -20.15
CA LEU C 31 -9.12 -18.58 -20.33
C LEU C 31 -9.11 -17.87 -18.99
N THR C 32 -9.70 -18.48 -17.96
CA THR C 32 -9.61 -17.93 -16.61
C THR C 32 -8.17 -17.89 -16.13
N GLN C 33 -7.39 -18.93 -16.44
CA GLN C 33 -5.97 -18.89 -16.08
C GLN C 33 -5.27 -17.73 -16.78
N LEU C 34 -5.58 -17.53 -18.06
CA LEU C 34 -5.03 -16.38 -18.77
C LEU C 34 -5.41 -15.07 -18.08
N LEU C 35 -6.69 -14.87 -17.81
CA LEU C 35 -7.15 -13.60 -17.26
C LEU C 35 -6.63 -13.37 -15.85
N ASN C 36 -6.53 -14.44 -15.04
CA ASN C 36 -5.90 -14.31 -13.73
C ASN C 36 -4.47 -13.81 -13.86
N SER C 37 -3.70 -14.43 -14.76
CA SER C 37 -2.31 -14.02 -14.97
C SER C 37 -2.23 -12.57 -15.44
N LEU C 38 -3.15 -12.19 -16.33
CA LEU C 38 -3.14 -10.82 -16.82
C LEU C 38 -3.42 -9.83 -15.69
N CYS C 39 -4.36 -10.17 -14.80
CA CYS C 39 -4.69 -9.29 -13.68
C CYS C 39 -3.54 -9.14 -12.72
N THR C 40 -2.79 -10.21 -12.50
CA THR C 40 -1.59 -10.10 -11.68
C THR C 40 -0.60 -9.15 -12.31
N ALA C 41 -0.39 -9.26 -13.63
CA ALA C 41 0.50 -8.33 -14.30
C ALA C 41 0.01 -6.89 -14.17
N VAL C 42 -1.30 -6.65 -14.33
CA VAL C 42 -1.85 -5.30 -14.29
C VAL C 42 -1.68 -4.68 -12.89
N LYS C 43 -1.87 -5.47 -11.83
CA LYS C 43 -1.62 -4.95 -10.49
C LYS C 43 -0.16 -4.56 -10.31
N ALA C 44 0.76 -5.35 -10.85
CA ALA C 44 2.18 -5.02 -10.74
C ALA C 44 2.51 -3.77 -11.57
N ILE C 45 1.91 -3.66 -12.74
CA ILE C 45 2.07 -2.45 -13.56
C ILE C 45 1.52 -1.23 -12.82
N SER C 46 0.31 -1.36 -12.25
CA SER C 46 -0.27 -0.25 -11.49
C SER C 46 0.66 0.20 -10.37
N SER C 47 1.20 -0.77 -9.62
CA SER C 47 2.12 -0.49 -8.53
C SER C 47 3.33 0.32 -9.00
N ALA C 48 3.93 -0.09 -10.13
CA ALA C 48 5.10 0.58 -10.67
C ALA C 48 4.74 1.94 -11.25
N VAL C 49 3.57 2.06 -11.88
CA VAL C 49 3.18 3.34 -12.47
C VAL C 49 2.94 4.39 -11.39
N ARG C 50 2.36 3.98 -10.25
CA ARG C 50 2.18 4.89 -9.12
C ARG C 50 3.47 5.10 -8.33
N LYS C 51 4.59 4.55 -8.79
CA LYS C 51 5.91 4.87 -8.28
C LYS C 51 6.19 4.28 -6.89
N ALA C 52 5.54 3.18 -6.53
CA ALA C 52 5.94 2.48 -5.30
C ALA C 52 7.41 2.09 -5.39
N GLY C 53 8.18 2.45 -4.37
CA GLY C 53 9.59 2.12 -4.36
C GLY C 53 10.50 3.09 -5.08
N ILE C 54 9.97 4.19 -5.63
CA ILE C 54 10.79 5.15 -6.36
C ILE C 54 11.90 5.72 -5.47
N ALA C 55 11.68 5.74 -4.15
CA ALA C 55 12.71 6.23 -3.24
C ALA C 55 14.00 5.43 -3.36
N HIS C 56 13.90 4.15 -3.71
CA HIS C 56 15.11 3.35 -3.87
C HIS C 56 15.90 3.82 -5.08
N LEU C 57 15.22 4.25 -6.15
CA LEU C 57 15.95 4.76 -7.30
C LEU C 57 16.69 6.03 -6.97
N TYR C 58 16.21 6.80 -6.00
CA TYR C 58 16.82 8.08 -5.66
C TYR C 58 17.71 7.99 -4.43
N GLY C 59 18.17 6.79 -4.09
CA GLY C 59 19.26 6.63 -3.16
C GLY C 59 18.89 6.54 -1.70
N ILE C 60 17.64 6.20 -1.37
CA ILE C 60 17.25 6.12 0.03
C ILE C 60 18.15 5.15 0.81
N ALA C 61 18.66 4.11 0.16
CA ALA C 61 19.52 3.16 0.86
C ALA C 61 21.00 3.37 0.52
N GLY C 62 21.38 4.57 0.08
CA GLY C 62 22.74 4.86 -0.32
C GLY C 62 22.99 4.90 -1.82
N LYS C 72 14.52 -0.67 -14.93
CA LYS C 72 13.90 -0.64 -16.25
C LYS C 72 12.98 0.57 -16.42
N LYS C 73 12.93 1.10 -17.64
CA LYS C 73 11.90 2.05 -18.01
C LYS C 73 10.53 1.40 -17.80
N LEU C 74 9.53 2.23 -17.54
CA LEU C 74 8.22 1.71 -17.16
C LEU C 74 7.60 0.87 -18.28
N ASP C 75 7.73 1.32 -19.53
CA ASP C 75 7.08 0.57 -20.59
C ASP C 75 7.79 -0.77 -20.85
N VAL C 76 9.10 -0.83 -20.62
CA VAL C 76 9.82 -2.10 -20.70
C VAL C 76 9.40 -3.03 -19.56
N LEU C 77 9.35 -2.51 -18.33
CA LEU C 77 8.92 -3.34 -17.21
C LEU C 77 7.50 -3.84 -17.42
N SER C 78 6.61 -2.96 -17.87
CA SER C 78 5.22 -3.37 -18.12
C SER C 78 5.18 -4.51 -19.14
N ASN C 79 5.98 -4.39 -20.20
CA ASN C 79 6.02 -5.46 -21.20
C ASN C 79 6.51 -6.76 -20.59
N ASP C 80 7.58 -6.68 -19.78
CA ASP C 80 8.12 -7.88 -19.14
C ASP C 80 7.09 -8.53 -18.23
N LEU C 81 6.35 -7.73 -17.48
CA LEU C 81 5.36 -8.28 -16.57
C LEU C 81 4.26 -9.01 -17.36
N VAL C 82 3.72 -8.36 -18.40
CA VAL C 82 2.66 -9.00 -19.18
C VAL C 82 3.18 -10.24 -19.89
N MET C 83 4.35 -10.12 -20.54
CA MET C 83 4.94 -11.26 -21.26
C MET C 83 5.15 -12.44 -20.33
N ASN C 84 5.74 -12.22 -19.16
CA ASN C 84 6.11 -13.35 -18.31
C ASN C 84 4.90 -14.00 -17.67
N MET C 85 3.93 -13.19 -17.22
CA MET C 85 2.71 -13.74 -16.64
C MET C 85 1.91 -14.54 -17.67
N LEU C 86 1.82 -14.05 -18.90
CA LEU C 86 1.07 -14.76 -19.92
C LEU C 86 1.77 -16.05 -20.33
N LYS C 87 3.09 -16.01 -20.48
CA LYS C 87 3.86 -17.22 -20.80
C LYS C 87 3.64 -18.30 -19.76
N SER C 88 3.72 -17.93 -18.49
CA SER C 88 3.62 -18.88 -17.40
C SER C 88 2.18 -19.27 -17.08
N SER C 89 1.19 -18.68 -17.75
CA SER C 89 -0.20 -19.09 -17.56
C SER C 89 -0.52 -20.44 -18.20
N PHE C 90 0.34 -20.92 -19.11
CA PHE C 90 0.08 -22.12 -19.91
C PHE C 90 -1.17 -21.98 -20.77
N ALA C 91 -1.61 -20.75 -21.03
CA ALA C 91 -2.83 -20.54 -21.79
C ALA C 91 -2.59 -19.92 -23.17
N THR C 92 -1.36 -19.56 -23.51
CA THR C 92 -1.09 -18.78 -24.71
C THR C 92 -0.02 -19.44 -25.56
N CYS C 93 0.00 -19.08 -26.84
CA CYS C 93 0.99 -19.63 -27.76
C CYS C 93 1.66 -18.54 -28.59
N VAL C 94 0.97 -17.43 -28.84
CA VAL C 94 1.55 -16.32 -29.60
C VAL C 94 1.21 -15.02 -28.86
N LEU C 95 2.22 -14.17 -28.66
CA LEU C 95 2.03 -12.93 -27.93
C LEU C 95 2.53 -11.78 -28.79
N VAL C 96 1.66 -10.85 -29.14
CA VAL C 96 2.05 -9.67 -29.89
C VAL C 96 1.97 -8.46 -28.97
N SER C 97 3.07 -7.73 -28.89
CA SER C 97 3.17 -6.55 -28.03
C SER C 97 3.63 -5.36 -28.84
N GLU C 98 3.05 -4.20 -28.55
CA GLU C 98 3.55 -2.94 -29.09
C GLU C 98 5.07 -2.80 -28.92
N GLU C 99 5.63 -3.41 -27.87
CA GLU C 99 7.04 -3.26 -27.52
C GLU C 99 7.98 -4.16 -28.30
N ASP C 100 7.47 -5.10 -29.07
CA ASP C 100 8.30 -6.12 -29.70
C ASP C 100 8.06 -6.12 -31.20
N LYS C 101 9.14 -6.04 -31.97
CA LYS C 101 9.01 -5.95 -33.42
C LYS C 101 8.28 -7.16 -34.00
N HIS C 102 8.64 -8.36 -33.53
CA HIS C 102 8.04 -9.59 -34.01
C HIS C 102 7.20 -10.23 -32.92
N ALA C 103 6.28 -11.08 -33.34
CA ALA C 103 5.50 -11.86 -32.39
C ALA C 103 6.43 -12.75 -31.57
N ILE C 104 6.10 -12.91 -30.29
CA ILE C 104 6.78 -13.83 -29.40
C ILE C 104 6.05 -15.16 -29.44
N ILE C 105 6.78 -16.24 -29.70
CA ILE C 105 6.24 -17.59 -29.75
C ILE C 105 6.53 -18.27 -28.42
N VAL C 106 5.49 -18.68 -27.71
CA VAL C 106 5.67 -19.29 -26.40
C VAL C 106 6.35 -20.64 -26.56
N GLU C 107 7.26 -20.95 -25.64
CA GLU C 107 7.98 -22.21 -25.74
C GLU C 107 7.02 -23.38 -25.61
N PRO C 108 7.34 -24.52 -26.24
CA PRO C 108 6.35 -25.61 -26.37
C PRO C 108 5.75 -26.07 -25.06
N GLU C 109 6.57 -26.21 -24.02
CA GLU C 109 6.07 -26.78 -22.78
C GLU C 109 5.08 -25.88 -22.08
N LYS C 110 5.01 -24.61 -22.46
CA LYS C 110 4.10 -23.64 -21.84
C LYS C 110 2.98 -23.22 -22.79
N ARG C 111 2.79 -23.94 -23.89
CA ARG C 111 1.85 -23.53 -24.92
C ARG C 111 0.42 -23.82 -24.53
N GLY C 112 -0.42 -22.78 -24.60
CA GLY C 112 -1.86 -22.94 -24.52
C GLY C 112 -2.52 -22.52 -25.82
N LYS C 113 -3.83 -22.35 -25.82
CA LYS C 113 -4.53 -22.20 -27.08
C LYS C 113 -4.80 -20.76 -27.48
N TYR C 114 -4.44 -19.77 -26.67
CA TYR C 114 -4.87 -18.41 -26.94
C TYR C 114 -3.74 -17.56 -27.51
N VAL C 115 -4.13 -16.59 -28.32
CA VAL C 115 -3.23 -15.58 -28.87
C VAL C 115 -3.61 -14.25 -28.23
N VAL C 116 -2.62 -13.52 -27.71
CA VAL C 116 -2.88 -12.24 -27.03
C VAL C 116 -2.11 -11.13 -27.72
N CYS C 117 -2.82 -10.06 -28.11
CA CYS C 117 -2.22 -8.82 -28.59
C CYS C 117 -2.46 -7.75 -27.53
N PHE C 118 -1.39 -7.05 -27.15
CA PHE C 118 -1.53 -6.08 -26.05
C PHE C 118 -0.61 -4.89 -26.25
N ASP C 119 -1.01 -3.77 -25.65
CA ASP C 119 -0.17 -2.58 -25.52
C ASP C 119 0.12 -2.42 -24.03
N PRO C 120 1.32 -2.75 -23.55
CA PRO C 120 1.51 -2.91 -22.10
C PRO C 120 1.43 -1.61 -21.33
N LEU C 121 1.85 -0.48 -21.91
CA LEU C 121 1.71 0.80 -21.24
C LEU C 121 1.40 1.84 -22.31
N ASP C 122 0.17 1.79 -22.80
CA ASP C 122 -0.31 2.75 -23.78
C ASP C 122 -0.27 4.15 -23.20
N GLY C 123 0.23 5.10 -24.00
CA GLY C 123 0.31 6.48 -23.59
C GLY C 123 1.56 6.86 -22.86
N SER C 124 2.49 5.91 -22.66
CA SER C 124 3.64 6.15 -21.81
C SER C 124 4.59 7.20 -22.39
N SER C 125 4.51 7.51 -23.68
CA SER C 125 5.44 8.50 -24.25
C SER C 125 5.32 9.86 -23.56
N ASN C 126 4.18 10.16 -22.92
CA ASN C 126 3.99 11.39 -22.18
C ASN C 126 3.85 11.15 -20.68
N ILE C 127 4.31 9.99 -20.20
CA ILE C 127 4.16 9.69 -18.78
C ILE C 127 4.99 10.63 -17.91
N ASP C 128 5.96 11.33 -18.51
CA ASP C 128 6.75 12.30 -17.76
C ASP C 128 5.91 13.48 -17.27
N CYS C 129 4.72 13.71 -17.85
CA CYS C 129 3.78 14.68 -17.30
C CYS C 129 2.66 14.02 -16.50
N LEU C 130 2.81 12.73 -16.17
CA LEU C 130 1.87 11.97 -15.33
C LEU C 130 0.49 11.83 -15.97
N VAL C 131 0.43 11.89 -17.29
CA VAL C 131 -0.84 11.66 -17.97
C VAL C 131 -1.33 10.25 -17.63
N SER C 132 -2.66 10.08 -17.60
CA SER C 132 -3.22 8.74 -17.46
C SER C 132 -2.58 7.83 -18.49
N VAL C 133 -2.23 6.62 -18.09
CA VAL C 133 -1.77 5.61 -19.05
C VAL C 133 -2.57 4.34 -18.82
N GLY C 134 -2.35 3.35 -19.69
CA GLY C 134 -3.16 2.15 -19.58
C GLY C 134 -2.54 0.97 -20.29
N THR C 135 -3.14 -0.19 -20.03
CA THR C 135 -2.80 -1.44 -20.69
C THR C 135 -4.00 -1.90 -21.51
N ILE C 136 -3.79 -2.20 -22.79
CA ILE C 136 -4.85 -2.62 -23.69
C ILE C 136 -4.59 -4.06 -24.11
N PHE C 137 -5.64 -4.87 -24.17
CA PHE C 137 -5.43 -6.27 -24.56
C PHE C 137 -6.60 -6.80 -25.38
N GLY C 138 -6.28 -7.73 -26.29
CA GLY C 138 -7.27 -8.45 -27.04
C GLY C 138 -6.88 -9.91 -27.11
N ILE C 139 -7.84 -10.81 -26.91
CA ILE C 139 -7.56 -12.25 -26.75
C ILE C 139 -8.29 -13.02 -27.83
N TYR C 140 -7.54 -13.79 -28.62
CA TYR C 140 -8.10 -14.67 -29.64
C TYR C 140 -7.80 -16.12 -29.32
N ARG C 141 -8.64 -17.01 -29.85
CA ARG C 141 -8.29 -18.42 -29.94
C ARG C 141 -7.42 -18.63 -31.19
N LYS C 142 -6.33 -19.39 -31.04
CA LYS C 142 -5.53 -19.71 -32.21
C LYS C 142 -6.37 -20.52 -33.18
N LYS C 143 -6.44 -20.07 -34.44
CA LYS C 143 -7.39 -20.63 -35.40
C LYS C 143 -6.78 -21.70 -36.28
N SER C 144 -5.50 -21.60 -36.62
CA SER C 144 -4.92 -22.59 -37.51
C SER C 144 -4.23 -23.66 -36.67
N THR C 145 -4.07 -24.84 -37.26
CA THR C 145 -3.32 -25.91 -36.61
C THR C 145 -1.85 -25.89 -36.97
N ASP C 146 -1.42 -24.93 -37.78
CA ASP C 146 -0.01 -24.83 -38.10
C ASP C 146 0.80 -24.55 -36.84
N GLU C 147 2.10 -24.71 -36.96
CA GLU C 147 2.99 -24.31 -35.88
C GLU C 147 2.73 -22.85 -35.53
N PRO C 148 2.74 -22.49 -34.24
CA PRO C 148 2.43 -21.10 -33.89
C PRO C 148 3.41 -20.14 -34.54
N SER C 149 2.88 -19.02 -35.03
CA SER C 149 3.66 -18.03 -35.73
C SER C 149 2.93 -16.70 -35.65
N GLU C 150 3.58 -15.67 -36.16
CA GLU C 150 3.03 -14.32 -36.18
C GLU C 150 1.66 -14.29 -36.86
N LYS C 151 1.43 -15.13 -37.88
CA LYS C 151 0.16 -15.15 -38.58
C LYS C 151 -1.02 -15.50 -37.69
N ASP C 152 -0.77 -16.16 -36.56
CA ASP C 152 -1.89 -16.47 -35.67
C ASP C 152 -2.51 -15.24 -35.06
N ALA C 153 -1.79 -14.13 -35.05
CA ALA C 153 -2.33 -12.87 -34.54
C ALA C 153 -3.02 -12.04 -35.60
N LEU C 154 -2.99 -12.45 -36.88
CA LEU C 154 -3.60 -11.66 -37.94
C LEU C 154 -5.08 -12.04 -38.12
N GLN C 155 -5.82 -11.93 -37.04
CA GLN C 155 -7.24 -12.23 -37.13
C GLN C 155 -8.04 -10.95 -37.05
N PRO C 156 -9.17 -10.85 -37.73
CA PRO C 156 -10.03 -9.66 -37.59
C PRO C 156 -10.62 -9.62 -36.19
N GLY C 157 -10.86 -8.39 -35.72
CA GLY C 157 -11.38 -8.18 -34.38
C GLY C 157 -12.70 -8.85 -34.11
N ARG C 158 -13.49 -9.12 -35.16
CA ARG C 158 -14.71 -9.91 -35.02
C ARG C 158 -14.45 -11.23 -34.29
N ASN C 159 -13.23 -11.75 -34.38
CA ASN C 159 -12.90 -13.05 -33.82
C ASN C 159 -12.50 -13.01 -32.35
N LEU C 160 -12.48 -11.83 -31.72
CA LEU C 160 -12.01 -11.73 -30.34
C LEU C 160 -12.88 -12.56 -29.40
N VAL C 161 -12.23 -13.21 -28.45
CA VAL C 161 -12.91 -13.94 -27.38
C VAL C 161 -13.15 -13.05 -26.18
N ALA C 162 -12.20 -12.14 -25.92
CA ALA C 162 -12.31 -11.20 -24.82
C ALA C 162 -11.31 -10.09 -25.11
N ALA C 163 -11.63 -8.89 -24.64
CA ALA C 163 -10.78 -7.72 -24.86
C ALA C 163 -11.10 -6.70 -23.78
N GLY C 164 -10.21 -5.73 -23.63
CA GLY C 164 -10.46 -4.69 -22.64
C GLY C 164 -9.19 -3.92 -22.33
N TYR C 165 -9.20 -3.28 -21.16
CA TYR C 165 -8.08 -2.45 -20.79
C TYR C 165 -8.05 -2.24 -19.29
N ALA C 166 -6.85 -1.91 -18.81
CA ALA C 166 -6.64 -1.33 -17.49
C ALA C 166 -6.31 0.14 -17.70
N LEU C 167 -6.99 1.02 -16.96
CA LEU C 167 -6.72 2.44 -16.99
C LEU C 167 -6.06 2.78 -15.66
N TYR C 168 -4.84 3.33 -15.73
CA TYR C 168 -4.13 3.86 -14.56
C TYR C 168 -4.35 5.37 -14.54
N GLY C 169 -5.52 5.77 -14.04
CA GLY C 169 -5.90 7.16 -13.97
C GLY C 169 -5.91 7.66 -12.53
N SER C 170 -6.94 8.43 -12.14
CA SER C 170 -7.04 8.81 -10.74
C SER C 170 -7.14 7.58 -9.84
N ALA C 171 -7.82 6.54 -10.32
CA ALA C 171 -7.75 5.19 -9.77
C ALA C 171 -7.45 4.20 -10.89
N THR C 172 -7.15 2.96 -10.53
CA THR C 172 -6.88 1.92 -11.52
C THR C 172 -8.15 1.10 -11.74
N MET C 173 -8.56 0.99 -12.99
CA MET C 173 -9.76 0.23 -13.33
C MET C 173 -9.49 -0.73 -14.48
N LEU C 174 -10.02 -1.94 -14.36
CA LEU C 174 -10.00 -2.90 -15.45
C LEU C 174 -11.39 -3.00 -16.06
N VAL C 175 -11.48 -2.77 -17.36
CA VAL C 175 -12.71 -2.91 -18.13
C VAL C 175 -12.58 -4.19 -18.95
N LEU C 176 -13.47 -5.15 -18.73
CA LEU C 176 -13.39 -6.44 -19.42
C LEU C 176 -14.65 -6.66 -20.26
N ALA C 177 -14.48 -6.81 -21.57
CA ALA C 177 -15.58 -7.08 -22.48
C ALA C 177 -15.52 -8.53 -22.97
N MET C 178 -16.65 -9.21 -22.90
CA MET C 178 -16.79 -10.59 -23.39
C MET C 178 -18.16 -10.71 -24.02
N ASP C 179 -18.51 -11.94 -24.42
CA ASP C 179 -19.83 -12.20 -24.98
C ASP C 179 -20.93 -11.75 -24.04
N CYS C 180 -20.71 -11.90 -22.73
CA CYS C 180 -21.72 -11.53 -21.74
C CYS C 180 -21.88 -10.02 -21.55
N GLY C 181 -21.06 -9.20 -22.19
CA GLY C 181 -21.13 -7.75 -22.07
C GLY C 181 -19.87 -7.19 -21.47
N VAL C 182 -19.95 -5.91 -21.06
CA VAL C 182 -18.82 -5.16 -20.54
C VAL C 182 -18.99 -4.99 -19.03
N ASN C 183 -17.94 -5.33 -18.28
CA ASN C 183 -17.91 -5.20 -16.84
C ASN C 183 -16.64 -4.50 -16.40
N CYS C 184 -16.78 -3.61 -15.41
CA CYS C 184 -15.72 -2.73 -14.93
C CYS C 184 -15.37 -3.07 -13.48
N PHE C 185 -14.08 -3.25 -13.22
CA PHE C 185 -13.58 -3.65 -11.92
C PHE C 185 -12.61 -2.60 -11.40
N MET C 186 -12.86 -2.10 -10.19
CA MET C 186 -11.94 -1.15 -9.56
C MET C 186 -10.88 -1.90 -8.76
N LEU C 187 -9.61 -1.57 -9.00
CA LEU C 187 -8.55 -2.10 -8.17
C LEU C 187 -8.56 -1.40 -6.82
N ASP C 188 -8.73 -2.18 -5.75
CA ASP C 188 -8.56 -1.71 -4.38
C ASP C 188 -7.11 -1.96 -3.99
N PRO C 189 -6.25 -0.94 -4.02
CA PRO C 189 -4.83 -1.19 -3.72
C PRO C 189 -4.56 -1.59 -2.28
N ALA C 190 -5.53 -1.41 -1.38
CA ALA C 190 -5.34 -1.88 -0.01
C ALA C 190 -5.21 -3.39 0.06
N ILE C 191 -5.87 -4.11 -0.84
CA ILE C 191 -5.94 -5.56 -0.77
C ILE C 191 -5.60 -6.25 -2.09
N GLY C 192 -5.22 -5.50 -3.12
CA GLY C 192 -4.85 -6.10 -4.39
C GLY C 192 -5.95 -6.94 -4.99
N GLU C 193 -7.17 -6.40 -5.04
CA GLU C 193 -8.32 -7.05 -5.63
C GLU C 193 -9.04 -6.12 -6.59
N PHE C 194 -9.46 -6.64 -7.73
CA PHE C 194 -10.33 -5.93 -8.65
C PHE C 194 -11.78 -6.17 -8.24
N ILE C 195 -12.48 -5.11 -7.83
CA ILE C 195 -13.84 -5.20 -7.29
C ILE C 195 -14.82 -4.82 -8.39
N LEU C 196 -15.83 -5.65 -8.64
CA LEU C 196 -16.84 -5.34 -9.64
C LEU C 196 -17.66 -4.14 -9.19
N VAL C 197 -17.63 -3.05 -9.96
CA VAL C 197 -18.37 -1.85 -9.60
C VAL C 197 -19.37 -1.39 -10.65
N ASP C 198 -19.28 -1.87 -11.90
CA ASP C 198 -20.22 -1.50 -12.96
C ASP C 198 -20.48 -2.74 -13.81
N LYS C 199 -21.72 -3.23 -13.77
CA LYS C 199 -22.11 -4.46 -14.44
C LYS C 199 -22.81 -4.19 -15.77
N ASP C 200 -22.50 -5.01 -16.77
CA ASP C 200 -23.20 -5.01 -18.07
C ASP C 200 -23.36 -3.60 -18.61
N VAL C 201 -22.23 -2.91 -18.71
CA VAL C 201 -22.22 -1.48 -19.01
C VAL C 201 -22.65 -1.24 -20.45
N LYS C 202 -23.47 -0.20 -20.65
CA LYS C 202 -23.90 0.24 -21.96
C LYS C 202 -23.60 1.72 -22.11
N ILE C 203 -23.13 2.11 -23.27
CA ILE C 203 -22.81 3.51 -23.54
C ILE C 203 -24.10 4.25 -23.91
N LYS C 204 -24.16 5.53 -23.56
CA LYS C 204 -25.29 6.37 -23.95
C LYS C 204 -25.48 6.36 -25.46
N LYS C 205 -26.74 6.42 -25.89
CA LYS C 205 -27.04 6.42 -27.31
C LYS C 205 -26.44 7.64 -28.01
N LYS C 206 -26.37 8.78 -27.32
CA LYS C 206 -25.80 9.98 -27.89
C LYS C 206 -25.15 10.79 -26.77
N GLY C 207 -23.95 11.32 -27.04
CA GLY C 207 -23.20 12.07 -26.07
C GLY C 207 -23.13 13.55 -26.41
N LYS C 208 -22.30 14.26 -25.64
CA LYS C 208 -22.12 15.70 -25.81
C LYS C 208 -20.66 16.12 -25.78
N ILE C 209 -19.74 15.19 -26.05
CA ILE C 209 -18.32 15.45 -26.02
C ILE C 209 -17.68 14.83 -27.26
N TYR C 210 -16.83 15.57 -27.95
CA TYR C 210 -16.04 15.02 -29.03
C TYR C 210 -14.57 15.13 -28.66
N SER C 211 -13.78 14.17 -29.15
CA SER C 211 -12.41 13.97 -28.70
C SER C 211 -11.51 13.63 -29.87
N LEU C 212 -10.61 14.55 -30.23
CA LEU C 212 -9.57 14.30 -31.23
C LEU C 212 -8.55 15.42 -31.14
N ASN C 213 -7.37 15.16 -31.69
CA ASN C 213 -6.30 16.15 -31.75
C ASN C 213 -6.61 17.12 -32.89
N GLU C 214 -7.16 18.28 -32.56
CA GLU C 214 -7.46 19.29 -33.58
C GLU C 214 -6.21 20.01 -34.07
N GLY C 215 -5.06 19.71 -33.48
CA GLY C 215 -3.81 20.21 -34.04
C GLY C 215 -3.58 19.78 -35.47
N TYR C 216 -4.21 18.68 -35.93
CA TYR C 216 -4.10 18.22 -37.32
C TYR C 216 -5.23 18.74 -38.20
N ALA C 217 -5.88 19.84 -37.83
CA ALA C 217 -7.02 20.33 -38.60
C ALA C 217 -6.62 20.66 -40.04
N LYS C 218 -5.38 21.08 -40.26
CA LYS C 218 -4.95 21.40 -41.61
C LYS C 218 -4.92 20.16 -42.51
N ASP C 219 -4.75 18.97 -41.90
CA ASP C 219 -4.68 17.73 -42.67
C ASP C 219 -5.99 16.99 -42.75
N PHE C 220 -7.01 17.42 -42.01
CA PHE C 220 -8.27 16.69 -41.97
C PHE C 220 -8.87 16.57 -43.36
N ASP C 221 -9.42 15.41 -43.68
CA ASP C 221 -10.26 15.26 -44.85
C ASP C 221 -11.57 16.03 -44.67
N PRO C 222 -12.25 16.38 -45.77
CA PRO C 222 -13.46 17.19 -45.65
C PRO C 222 -14.53 16.63 -44.73
N ALA C 223 -14.67 15.30 -44.65
CA ALA C 223 -15.73 14.75 -43.81
C ALA C 223 -15.50 15.04 -42.33
N VAL C 224 -14.27 14.87 -41.86
CA VAL C 224 -13.92 15.21 -40.48
C VAL C 224 -14.09 16.70 -40.23
N THR C 225 -13.61 17.54 -41.14
CA THR C 225 -13.76 18.98 -40.98
C THR C 225 -15.22 19.36 -40.80
N GLU C 226 -16.10 18.85 -41.66
CA GLU C 226 -17.52 19.19 -41.56
C GLU C 226 -18.11 18.65 -40.28
N TYR C 227 -17.77 17.40 -39.91
CA TYR C 227 -18.34 16.82 -38.70
C TYR C 227 -18.00 17.66 -37.47
N ILE C 228 -16.74 18.09 -37.36
CA ILE C 228 -16.33 18.86 -36.19
C ILE C 228 -16.99 20.24 -36.21
N GLN C 229 -17.12 20.83 -37.41
CA GLN C 229 -17.86 22.08 -37.53
C GLN C 229 -19.28 21.94 -37.00
N ARG C 230 -19.91 20.79 -37.25
CA ARG C 230 -21.26 20.56 -36.74
C ARG C 230 -21.28 20.46 -35.21
N LYS C 231 -20.19 20.01 -34.61
CA LYS C 231 -20.18 19.91 -33.15
C LYS C 231 -20.05 21.28 -32.51
N LYS C 232 -19.30 22.19 -33.15
CA LYS C 232 -19.09 23.53 -32.63
C LYS C 232 -20.19 24.50 -33.00
N PHE C 233 -20.75 24.36 -34.19
CA PHE C 233 -21.79 25.25 -34.70
C PHE C 233 -22.96 24.37 -35.15
N PRO C 234 -23.74 23.84 -34.21
CA PRO C 234 -24.76 22.86 -34.59
C PRO C 234 -25.77 23.48 -35.53
N PRO C 235 -26.05 22.82 -36.66
CA PRO C 235 -26.96 23.43 -37.64
C PRO C 235 -28.39 23.51 -37.15
N ASP C 236 -28.72 22.86 -36.03
CA ASP C 236 -30.05 22.91 -35.46
C ASP C 236 -30.11 23.86 -34.27
N ASN C 237 -29.03 24.60 -34.04
CA ASN C 237 -28.92 25.58 -32.96
C ASN C 237 -29.02 24.96 -31.57
N SER C 238 -28.79 23.65 -31.46
CA SER C 238 -28.65 23.01 -30.16
C SER C 238 -27.30 23.41 -29.57
N ALA C 239 -27.07 23.01 -28.33
CA ALA C 239 -25.83 23.39 -27.65
C ALA C 239 -24.63 22.70 -28.29
N PRO C 240 -23.50 23.40 -28.41
CA PRO C 240 -22.27 22.76 -28.92
C PRO C 240 -21.80 21.64 -28.01
N TYR C 241 -21.15 20.65 -28.61
CA TYR C 241 -20.45 19.64 -27.82
C TYR C 241 -19.26 20.27 -27.10
N GLY C 242 -18.96 19.74 -25.91
CA GLY C 242 -17.69 20.02 -25.29
C GLY C 242 -16.57 19.21 -25.91
N ALA C 243 -15.35 19.71 -25.78
CA ALA C 243 -14.18 19.02 -26.32
C ALA C 243 -13.27 18.53 -25.18
N ARG C 244 -12.77 17.30 -25.33
CA ARG C 244 -11.80 16.73 -24.40
C ARG C 244 -10.82 15.90 -25.20
N TYR C 245 -9.52 16.06 -24.92
CA TYR C 245 -8.53 15.22 -25.60
C TYR C 245 -7.32 15.11 -24.68
N VAL C 246 -7.25 13.97 -23.98
CA VAL C 246 -6.13 13.70 -23.07
C VAL C 246 -4.87 13.42 -23.86
N GLY C 247 -5.01 12.80 -25.02
CA GLY C 247 -3.85 12.37 -25.76
C GLY C 247 -3.35 11.00 -25.36
N SER C 248 -4.09 10.31 -24.50
CA SER C 248 -3.80 8.95 -24.09
C SER C 248 -5.05 8.12 -24.40
N MET C 249 -4.91 7.13 -25.28
CA MET C 249 -6.10 6.49 -25.87
C MET C 249 -7.00 5.85 -24.82
N VAL C 250 -6.41 5.16 -23.83
CA VAL C 250 -7.23 4.50 -22.82
C VAL C 250 -8.07 5.51 -22.06
N ALA C 251 -7.45 6.64 -21.68
CA ALA C 251 -8.17 7.66 -20.94
C ALA C 251 -9.33 8.23 -21.75
N ASP C 252 -9.07 8.56 -23.02
CA ASP C 252 -10.12 9.17 -23.85
C ASP C 252 -11.21 8.16 -24.18
N VAL C 253 -10.84 6.91 -24.45
CA VAL C 253 -11.88 5.93 -24.74
C VAL C 253 -12.71 5.61 -23.48
N HIS C 254 -12.07 5.56 -22.31
CA HIS C 254 -12.83 5.27 -21.10
C HIS C 254 -13.82 6.40 -20.79
N ARG C 255 -13.40 7.64 -20.95
CA ARG C 255 -14.33 8.76 -20.82
C ARG C 255 -15.49 8.63 -21.79
N THR C 256 -15.18 8.26 -23.04
CA THR C 256 -16.22 8.06 -24.04
C THR C 256 -17.19 6.97 -23.60
N LEU C 257 -16.68 5.88 -23.02
CA LEU C 257 -17.57 4.83 -22.53
C LEU C 257 -18.45 5.34 -21.39
N VAL C 258 -17.87 6.09 -20.45
CA VAL C 258 -18.60 6.48 -19.24
C VAL C 258 -19.60 7.60 -19.50
N TYR C 259 -19.20 8.62 -20.27
CA TYR C 259 -20.00 9.82 -20.48
C TYR C 259 -20.67 9.86 -21.83
N GLY C 260 -20.30 8.99 -22.76
CA GLY C 260 -20.80 9.05 -24.11
C GLY C 260 -20.02 10.03 -24.95
N GLY C 261 -20.36 10.07 -26.21
CA GLY C 261 -19.71 10.95 -27.16
C GLY C 261 -18.93 10.18 -28.21
N ILE C 262 -17.92 10.83 -28.75
CA ILE C 262 -17.23 10.27 -29.91
C ILE C 262 -15.75 10.58 -29.78
N PHE C 263 -14.93 9.60 -30.16
CA PHE C 263 -13.48 9.71 -30.16
C PHE C 263 -12.97 9.48 -31.58
N LEU C 264 -12.07 10.35 -32.06
CA LEU C 264 -11.58 10.26 -33.43
C LEU C 264 -10.07 10.33 -33.46
N TYR C 265 -9.44 9.40 -34.17
CA TYR C 265 -8.05 9.53 -34.62
C TYR C 265 -7.99 9.18 -36.10
N PRO C 266 -8.28 10.16 -36.95
CA PRO C 266 -8.34 9.89 -38.38
C PRO C 266 -6.93 9.95 -38.98
N ALA C 267 -6.84 9.55 -40.23
CA ALA C 267 -5.57 9.65 -40.93
C ALA C 267 -5.16 11.12 -41.07
N ASN C 268 -3.85 11.33 -41.16
CA ASN C 268 -3.33 12.65 -41.52
C ASN C 268 -2.09 12.44 -42.38
N LYS C 269 -1.41 13.55 -42.72
CA LYS C 269 -0.26 13.48 -43.61
C LYS C 269 0.93 12.79 -42.95
N LYS C 270 1.05 12.90 -41.62
CA LYS C 270 2.06 12.09 -40.94
C LYS C 270 1.65 10.62 -40.86
N SER C 271 0.33 10.34 -40.90
CA SER C 271 -0.19 8.99 -40.67
C SER C 271 -1.28 8.70 -41.70
N PRO C 272 -0.90 8.40 -42.95
CA PRO C 272 -1.91 8.22 -44.01
C PRO C 272 -2.76 6.96 -43.85
N ASN C 273 -2.33 6.01 -43.01
CA ASN C 273 -3.09 4.81 -42.66
C ASN C 273 -3.65 4.90 -41.25
N GLY C 274 -3.84 6.12 -40.73
CA GLY C 274 -4.15 6.38 -39.34
C GLY C 274 -2.91 6.25 -38.47
N LYS C 275 -3.08 6.53 -37.18
CA LYS C 275 -1.93 6.41 -36.29
C LYS C 275 -2.06 5.29 -35.28
N LEU C 276 -3.24 5.06 -34.72
CA LEU C 276 -3.39 4.03 -33.72
C LEU C 276 -3.23 2.65 -34.36
N ARG C 277 -2.78 1.69 -33.56
CA ARG C 277 -2.44 0.37 -34.04
C ARG C 277 -3.66 -0.54 -34.04
N LEU C 278 -3.87 -1.26 -35.15
CA LEU C 278 -5.08 -2.06 -35.30
C LEU C 278 -5.17 -3.18 -34.25
N LEU C 279 -4.11 -3.99 -34.11
CA LEU C 279 -4.21 -5.24 -33.37
C LEU C 279 -4.42 -5.02 -31.88
N TYR C 280 -3.74 -4.03 -31.29
CA TYR C 280 -3.72 -3.93 -29.85
C TYR C 280 -4.10 -2.54 -29.34
N GLU C 281 -4.66 -1.67 -30.19
CA GLU C 281 -5.32 -0.45 -29.73
C GLU C 281 -6.74 -0.38 -30.29
N CYS C 282 -6.89 -0.38 -31.61
CA CYS C 282 -8.20 -0.17 -32.22
C CYS C 282 -9.13 -1.38 -32.00
N ASN C 283 -8.69 -2.59 -32.33
CA ASN C 283 -9.58 -3.74 -32.17
C ASN C 283 -10.09 -3.92 -30.75
N PRO C 284 -9.25 -3.94 -29.71
CA PRO C 284 -9.80 -4.09 -28.35
C PRO C 284 -10.79 -3.00 -27.98
N MET C 285 -10.50 -1.75 -28.31
CA MET C 285 -11.46 -0.69 -28.00
C MET C 285 -12.73 -0.82 -28.84
N ALA C 286 -12.59 -1.20 -30.11
CA ALA C 286 -13.78 -1.46 -30.94
C ALA C 286 -14.64 -2.56 -30.34
N TYR C 287 -14.01 -3.61 -29.82
CA TYR C 287 -14.78 -4.71 -29.24
C TYR C 287 -15.51 -4.27 -27.98
N VAL C 288 -14.81 -3.53 -27.09
CA VAL C 288 -15.47 -2.97 -25.91
C VAL C 288 -16.66 -2.11 -26.33
N MET C 289 -16.43 -1.22 -27.30
CA MET C 289 -17.51 -0.34 -27.74
C MET C 289 -18.70 -1.12 -28.25
N GLU C 290 -18.49 -2.09 -29.14
CA GLU C 290 -19.63 -2.81 -29.69
C GLU C 290 -20.34 -3.64 -28.62
N LYS C 291 -19.59 -4.24 -27.68
CA LYS C 291 -20.26 -4.98 -26.61
C LYS C 291 -21.05 -4.07 -25.68
N ALA C 292 -20.71 -2.78 -25.64
CA ALA C 292 -21.43 -1.78 -24.86
C ALA C 292 -22.52 -1.10 -25.66
N GLY C 293 -22.82 -1.58 -26.85
CA GLY C 293 -23.81 -0.96 -27.70
C GLY C 293 -23.33 0.25 -28.45
N GLY C 294 -22.02 0.47 -28.53
CA GLY C 294 -21.46 1.55 -29.31
C GLY C 294 -21.00 1.09 -30.68
N MET C 295 -20.25 1.97 -31.34
CA MET C 295 -19.76 1.69 -32.69
C MET C 295 -18.29 2.06 -32.79
N ALA C 296 -17.62 1.44 -33.77
CA ALA C 296 -16.23 1.76 -34.08
C ALA C 296 -15.99 1.52 -35.56
N THR C 297 -15.62 2.57 -36.28
CA THR C 297 -15.46 2.52 -37.71
C THR C 297 -14.14 3.17 -38.11
N THR C 298 -13.58 2.69 -39.23
CA THR C 298 -12.47 3.33 -39.90
C THR C 298 -12.91 4.44 -40.82
N GLY C 299 -14.22 4.58 -41.02
CA GLY C 299 -14.76 5.44 -42.06
C GLY C 299 -15.31 4.62 -43.19
N LYS C 300 -14.58 3.58 -43.58
CA LYS C 300 -15.02 2.72 -44.68
C LYS C 300 -15.64 1.43 -44.21
N GLU C 301 -15.32 0.98 -43.00
CA GLU C 301 -15.89 -0.27 -42.51
C GLU C 301 -15.72 -0.30 -41.01
N ALA C 302 -16.38 -1.28 -40.39
CA ALA C 302 -16.19 -1.51 -38.97
C ALA C 302 -14.74 -1.92 -38.71
N VAL C 303 -14.15 -1.31 -37.68
CA VAL C 303 -12.80 -1.72 -37.24
C VAL C 303 -12.72 -3.23 -37.13
N LEU C 304 -13.73 -3.85 -36.51
CA LEU C 304 -13.66 -5.29 -36.27
C LEU C 304 -13.70 -6.11 -37.54
N ASP C 305 -14.00 -5.51 -38.70
CA ASP C 305 -14.03 -6.24 -39.96
C ASP C 305 -12.73 -6.12 -40.75
N VAL C 306 -11.84 -5.20 -40.40
CA VAL C 306 -10.57 -5.10 -41.08
C VAL C 306 -9.81 -6.42 -40.92
N ILE C 307 -9.29 -6.96 -42.01
CA ILE C 307 -8.48 -8.17 -41.98
C ILE C 307 -7.02 -7.75 -41.96
N PRO C 308 -6.28 -7.92 -40.86
CA PRO C 308 -4.92 -7.40 -40.81
C PRO C 308 -3.96 -8.21 -41.66
N THR C 309 -2.92 -7.52 -42.14
CA THR C 309 -1.82 -8.18 -42.81
C THR C 309 -0.49 -8.01 -42.10
N ASP C 310 -0.39 -7.09 -41.15
CA ASP C 310 0.86 -6.82 -40.46
C ASP C 310 0.54 -6.53 -38.99
N ILE C 311 1.29 -7.15 -38.08
CA ILE C 311 0.87 -7.09 -36.68
C ILE C 311 0.95 -5.68 -36.12
N HIS C 312 1.77 -4.80 -36.70
CA HIS C 312 1.85 -3.42 -36.21
C HIS C 312 1.16 -2.43 -37.14
N GLN C 313 0.26 -2.90 -38.01
CA GLN C 313 -0.35 -1.99 -38.96
C GLN C 313 -1.30 -1.04 -38.24
N ARG C 314 -1.43 0.16 -38.80
CA ARG C 314 -2.25 1.23 -38.24
C ARG C 314 -3.62 1.23 -38.89
N ALA C 315 -4.57 1.88 -38.21
CA ALA C 315 -5.91 2.06 -38.71
C ALA C 315 -6.45 3.41 -38.26
N PRO C 316 -7.22 4.10 -39.10
CA PRO C 316 -8.02 5.23 -38.61
C PRO C 316 -9.15 4.67 -37.78
N VAL C 317 -9.62 5.45 -36.82
CA VAL C 317 -10.67 4.98 -35.93
C VAL C 317 -11.57 6.15 -35.53
N ILE C 318 -12.88 5.91 -35.60
CA ILE C 318 -13.91 6.79 -35.07
C ILE C 318 -14.83 5.92 -34.25
N LEU C 319 -14.94 6.18 -32.94
CA LEU C 319 -15.68 5.27 -32.09
C LEU C 319 -16.46 6.05 -31.03
N GLY C 320 -17.47 5.38 -30.47
CA GLY C 320 -18.23 5.98 -29.39
C GLY C 320 -19.73 5.73 -29.48
N SER C 321 -20.52 6.70 -29.02
CA SER C 321 -21.97 6.52 -28.97
C SER C 321 -22.52 6.27 -30.37
N PRO C 322 -23.51 5.38 -30.51
CA PRO C 322 -23.97 4.99 -31.86
C PRO C 322 -24.57 6.16 -32.64
N ASP C 323 -25.36 7.01 -32.00
CA ASP C 323 -25.92 8.18 -32.70
C ASP C 323 -24.82 9.08 -33.23
N ASP C 324 -23.73 9.23 -32.49
CA ASP C 324 -22.66 10.13 -32.91
C ASP C 324 -21.84 9.54 -34.06
N VAL C 325 -21.44 8.26 -33.92
CA VAL C 325 -20.73 7.59 -35.01
C VAL C 325 -21.58 7.55 -36.27
N LEU C 326 -22.87 7.24 -36.13
CA LEU C 326 -23.76 7.25 -37.30
C LEU C 326 -23.82 8.63 -37.93
N GLU C 327 -23.86 9.69 -37.12
CA GLU C 327 -23.85 11.03 -37.68
C GLU C 327 -22.56 11.29 -38.45
N PHE C 328 -21.44 10.86 -37.90
CA PHE C 328 -20.19 10.98 -38.66
C PHE C 328 -20.28 10.23 -39.99
N LEU C 329 -20.83 9.02 -39.97
CA LEU C 329 -20.89 8.23 -41.20
C LEU C 329 -21.81 8.85 -42.23
N LYS C 330 -22.87 9.54 -41.81
CA LYS C 330 -23.67 10.29 -42.76
C LYS C 330 -22.85 11.40 -43.41
N VAL C 331 -22.06 12.14 -42.62
CA VAL C 331 -21.19 13.16 -43.21
C VAL C 331 -20.17 12.50 -44.13
N TYR C 332 -19.65 11.35 -43.73
CA TYR C 332 -18.69 10.64 -44.58
C TYR C 332 -19.33 10.25 -45.91
N GLU C 333 -20.55 9.68 -45.87
CA GLU C 333 -21.24 9.32 -47.11
C GLU C 333 -21.49 10.53 -48.00
N LYS C 334 -21.79 11.69 -47.38
CA LYS C 334 -22.03 12.91 -48.15
C LYS C 334 -20.80 13.31 -48.95
N HIS C 335 -19.62 13.07 -48.40
CA HIS C 335 -18.38 13.30 -49.14
C HIS C 335 -17.92 12.05 -49.87
N SER C 336 -18.83 11.08 -50.05
CA SER C 336 -18.57 9.79 -50.69
C SER C 336 -17.33 9.07 -50.13
N ASP D 10 22.44 13.24 -2.69
CA ASP D 10 21.75 12.72 -1.50
C ASP D 10 20.24 12.71 -1.72
N VAL D 11 19.56 11.66 -1.25
CA VAL D 11 18.11 11.60 -1.35
C VAL D 11 17.49 12.75 -0.56
N ASN D 12 16.40 13.31 -1.07
CA ASN D 12 15.78 14.45 -0.41
C ASN D 12 14.27 14.25 -0.44
N THR D 13 13.63 14.45 0.71
CA THR D 13 12.19 14.38 0.85
C THR D 13 11.64 15.77 1.05
N LEU D 14 10.33 15.91 0.84
CA LEU D 14 9.70 17.20 1.09
C LEU D 14 9.98 17.66 2.52
N THR D 15 9.84 16.77 3.50
CA THR D 15 10.06 17.16 4.89
C THR D 15 11.45 17.75 5.09
N ARG D 16 12.48 17.04 4.63
CA ARG D 16 13.85 17.52 4.77
C ARG D 16 14.08 18.80 3.97
N PHE D 17 13.48 18.90 2.79
CA PHE D 17 13.67 20.06 1.93
C PHE D 17 13.21 21.35 2.59
N VAL D 18 11.99 21.35 3.14
CA VAL D 18 11.44 22.59 3.69
C VAL D 18 12.16 22.96 4.98
N MET D 19 12.54 21.96 5.78
CA MET D 19 13.36 22.23 6.96
C MET D 19 14.65 22.93 6.57
N GLU D 20 15.29 22.48 5.50
CA GLU D 20 16.56 23.07 5.12
C GLU D 20 16.37 24.45 4.51
N GLU D 21 15.31 24.65 3.72
CA GLU D 21 15.03 26.01 3.27
C GLU D 21 14.72 26.92 4.46
N GLY D 22 14.07 26.39 5.50
CA GLY D 22 13.77 27.19 6.67
C GLY D 22 15.00 27.55 7.49
N ARG D 23 15.94 26.61 7.64
CA ARG D 23 17.15 26.94 8.37
C ARG D 23 17.96 27.99 7.63
N LYS D 24 18.02 27.92 6.29
CA LYS D 24 18.65 28.98 5.52
C LYS D 24 18.00 30.33 5.80
N ALA D 25 16.68 30.34 5.88
CA ALA D 25 15.96 31.59 6.08
C ALA D 25 15.87 32.00 7.55
N ARG D 26 16.41 31.18 8.46
CA ARG D 26 16.35 31.46 9.89
C ARG D 26 14.90 31.59 10.35
N GLY D 27 14.02 30.77 9.77
CA GLY D 27 12.61 30.81 10.12
C GLY D 27 12.33 30.06 11.42
N THR D 28 11.12 30.30 11.96
CA THR D 28 10.70 29.67 13.21
C THR D 28 10.15 28.26 13.04
N GLY D 29 9.94 27.79 11.81
CA GLY D 29 9.40 26.47 11.56
C GLY D 29 7.90 26.40 11.34
N GLU D 30 7.18 27.52 11.47
CA GLU D 30 5.72 27.51 11.36
C GLU D 30 5.26 27.17 9.94
N LEU D 31 5.92 27.72 8.92
CA LEU D 31 5.55 27.40 7.55
C LEU D 31 5.82 25.93 7.23
N THR D 32 6.92 25.40 7.77
CA THR D 32 7.24 23.98 7.64
C THR D 32 6.17 23.11 8.28
N GLN D 33 5.66 23.52 9.45
CA GLN D 33 4.54 22.78 10.04
C GLN D 33 3.31 22.80 9.16
N LEU D 34 2.99 23.97 8.58
CA LEU D 34 1.89 24.05 7.64
C LEU D 34 2.10 23.07 6.48
N LEU D 35 3.29 23.11 5.86
CA LEU D 35 3.53 22.28 4.69
C LEU D 35 3.55 20.80 5.06
N ASN D 36 4.13 20.45 6.20
CA ASN D 36 4.06 19.07 6.68
C ASN D 36 2.61 18.60 6.81
N SER D 37 1.77 19.42 7.45
CA SER D 37 0.36 19.08 7.62
C SER D 37 -0.33 18.96 6.27
N LEU D 38 0.01 19.84 5.34
CA LEU D 38 -0.58 19.80 4.01
C LEU D 38 -0.20 18.53 3.27
N CYS D 39 1.07 18.10 3.39
CA CYS D 39 1.52 16.87 2.75
C CYS D 39 0.82 15.65 3.35
N THR D 40 0.62 15.66 4.67
CA THR D 40 -0.13 14.57 5.27
C THR D 40 -1.53 14.49 4.67
N ALA D 41 -2.19 15.65 4.52
CA ALA D 41 -3.52 15.66 3.92
C ALA D 41 -3.49 15.13 2.49
N VAL D 42 -2.45 15.51 1.72
CA VAL D 42 -2.34 15.09 0.33
C VAL D 42 -2.14 13.58 0.22
N LYS D 43 -1.34 12.99 1.11
CA LYS D 43 -1.23 11.54 1.09
C LYS D 43 -2.57 10.88 1.39
N ALA D 44 -3.35 11.48 2.29
CA ALA D 44 -4.65 10.91 2.61
C ALA D 44 -5.62 11.05 1.44
N ILE D 45 -5.59 12.19 0.74
CA ILE D 45 -6.42 12.36 -0.46
C ILE D 45 -6.00 11.37 -1.54
N SER D 46 -4.69 11.28 -1.80
CA SER D 46 -4.21 10.33 -2.80
C SER D 46 -4.71 8.94 -2.51
N SER D 47 -4.60 8.51 -1.26
CA SER D 47 -5.07 7.18 -0.89
C SER D 47 -6.55 7.02 -1.22
N ALA D 48 -7.38 8.01 -0.88
CA ALA D 48 -8.81 7.90 -1.15
C ALA D 48 -9.10 7.97 -2.64
N VAL D 49 -8.37 8.80 -3.38
CA VAL D 49 -8.61 8.95 -4.81
C VAL D 49 -8.27 7.67 -5.56
N ARG D 50 -7.19 6.98 -5.17
CA ARG D 50 -6.85 5.68 -5.77
C ARG D 50 -7.74 4.54 -5.25
N LYS D 51 -8.72 4.85 -4.41
CA LYS D 51 -9.80 3.94 -4.02
C LYS D 51 -9.32 2.85 -3.05
N ALA D 52 -8.31 3.12 -2.25
CA ALA D 52 -7.99 2.21 -1.16
C ALA D 52 -9.21 2.00 -0.27
N GLY D 53 -9.57 0.74 -0.03
CA GLY D 53 -10.70 0.44 0.82
C GLY D 53 -12.05 0.42 0.13
N ILE D 54 -12.10 0.62 -1.19
CA ILE D 54 -13.38 0.59 -1.89
C ILE D 54 -14.09 -0.76 -1.73
N ALA D 55 -13.34 -1.83 -1.49
CA ALA D 55 -13.99 -3.13 -1.31
C ALA D 55 -14.99 -3.12 -0.17
N HIS D 56 -14.71 -2.32 0.87
CA HIS D 56 -15.64 -2.25 2.00
C HIS D 56 -16.93 -1.56 1.62
N LEU D 57 -16.86 -0.55 0.75
CA LEU D 57 -18.09 0.09 0.29
C LEU D 57 -18.95 -0.87 -0.50
N TYR D 58 -18.34 -1.88 -1.13
CA TYR D 58 -19.06 -2.83 -1.96
C TYR D 58 -19.32 -4.17 -1.24
N GLY D 59 -19.23 -4.18 0.09
CA GLY D 59 -19.77 -5.30 0.86
C GLY D 59 -18.84 -6.46 1.11
N ILE D 60 -17.52 -6.26 1.01
CA ILE D 60 -16.58 -7.36 1.27
C ILE D 60 -16.76 -7.94 2.67
N ALA D 61 -17.16 -7.11 3.65
CA ALA D 61 -17.40 -7.59 5.01
C ALA D 61 -18.89 -7.74 5.30
N GLY D 62 -19.71 -7.96 4.26
CA GLY D 62 -21.13 -8.06 4.42
C GLY D 62 -21.90 -6.80 4.00
N LYS D 73 -18.77 13.05 -2.53
CA LYS D 73 -18.22 12.49 -1.31
C LYS D 73 -16.70 12.65 -1.30
N LEU D 74 -16.07 12.32 -2.43
CA LEU D 74 -14.61 12.38 -2.49
C LEU D 74 -14.12 13.82 -2.34
N ASP D 75 -14.79 14.79 -2.97
CA ASP D 75 -14.35 16.17 -2.81
C ASP D 75 -14.64 16.68 -1.41
N VAL D 76 -15.72 16.22 -0.78
CA VAL D 76 -16.01 16.58 0.61
C VAL D 76 -14.98 15.99 1.55
N LEU D 77 -14.64 14.71 1.35
CA LEU D 77 -13.61 14.09 2.15
C LEU D 77 -12.28 14.80 1.99
N SER D 78 -11.90 15.14 0.76
CA SER D 78 -10.66 15.89 0.52
C SER D 78 -10.69 17.22 1.24
N ASN D 79 -11.82 17.93 1.18
CA ASN D 79 -11.92 19.20 1.87
C ASN D 79 -11.75 19.03 3.38
N ASP D 80 -12.42 18.02 3.95
CA ASP D 80 -12.28 17.79 5.39
C ASP D 80 -10.84 17.48 5.77
N LEU D 81 -10.14 16.69 4.93
CA LEU D 81 -8.75 16.34 5.23
C LEU D 81 -7.87 17.59 5.27
N VAL D 82 -7.96 18.43 4.23
CA VAL D 82 -7.13 19.63 4.18
C VAL D 82 -7.50 20.57 5.31
N MET D 83 -8.81 20.81 5.49
CA MET D 83 -9.28 21.69 6.54
C MET D 83 -8.75 21.26 7.89
N ASN D 84 -8.86 19.96 8.18
CA ASN D 84 -8.55 19.48 9.51
C ASN D 84 -7.05 19.48 9.77
N MET D 85 -6.26 19.07 8.78
CA MET D 85 -4.81 19.11 8.96
C MET D 85 -4.31 20.54 9.11
N LEU D 86 -4.87 21.49 8.32
CA LEU D 86 -4.41 22.87 8.41
C LEU D 86 -4.80 23.49 9.75
N LYS D 87 -6.05 23.29 10.18
CA LYS D 87 -6.47 23.83 11.47
C LYS D 87 -5.55 23.33 12.59
N SER D 88 -5.25 22.04 12.59
CA SER D 88 -4.45 21.44 13.65
C SER D 88 -2.96 21.68 13.48
N SER D 89 -2.54 22.36 12.40
CA SER D 89 -1.13 22.69 12.23
C SER D 89 -0.67 23.79 13.18
N PHE D 90 -1.61 24.53 13.78
CA PHE D 90 -1.33 25.72 14.59
C PHE D 90 -0.60 26.81 13.77
N ALA D 91 -0.68 26.72 12.44
CA ALA D 91 0.02 27.66 11.57
C ALA D 91 -0.91 28.54 10.74
N THR D 92 -2.23 28.38 10.83
CA THR D 92 -3.15 29.08 9.94
C THR D 92 -4.19 29.85 10.77
N CYS D 93 -4.80 30.86 10.15
CA CYS D 93 -5.83 31.62 10.85
C CYS D 93 -7.08 31.80 10.01
N VAL D 94 -6.93 31.82 8.67
CA VAL D 94 -8.06 31.94 7.74
C VAL D 94 -7.88 30.92 6.62
N LEU D 95 -8.93 30.17 6.31
CA LEU D 95 -8.89 29.12 5.31
C LEU D 95 -10.01 29.32 4.30
N VAL D 96 -9.66 29.52 3.04
CA VAL D 96 -10.63 29.67 1.97
C VAL D 96 -10.57 28.42 1.11
N SER D 97 -11.73 27.78 0.92
CA SER D 97 -11.84 26.60 0.09
C SER D 97 -12.91 26.79 -0.97
N GLU D 98 -12.61 26.28 -2.17
CA GLU D 98 -13.61 26.13 -3.23
C GLU D 98 -14.90 25.50 -2.72
N GLU D 99 -14.84 24.63 -1.70
CA GLU D 99 -16.00 23.89 -1.22
C GLU D 99 -16.85 24.65 -0.20
N ASP D 100 -16.39 25.80 0.29
CA ASP D 100 -17.05 26.47 1.40
C ASP D 100 -17.41 27.88 0.99
N LYS D 101 -18.68 28.24 1.23
CA LYS D 101 -19.22 29.53 0.79
C LYS D 101 -18.44 30.69 1.42
N HIS D 102 -18.15 30.62 2.71
CA HIS D 102 -17.42 31.65 3.43
C HIS D 102 -16.05 31.13 3.85
N ALA D 103 -15.16 32.07 4.13
CA ALA D 103 -13.88 31.71 4.73
C ALA D 103 -14.11 31.02 6.07
N ILE D 104 -13.28 30.02 6.37
CA ILE D 104 -13.30 29.35 7.67
C ILE D 104 -12.30 30.06 8.56
N ILE D 105 -12.75 30.48 9.75
CA ILE D 105 -11.90 31.18 10.70
C ILE D 105 -11.40 30.14 11.71
N VAL D 106 -10.08 30.00 11.81
CA VAL D 106 -9.53 29.04 12.74
C VAL D 106 -9.78 29.51 14.16
N GLU D 107 -10.16 28.57 15.04
CA GLU D 107 -10.47 28.91 16.41
C GLU D 107 -9.24 29.51 17.09
N PRO D 108 -9.45 30.42 18.05
CA PRO D 108 -8.33 31.24 18.58
C PRO D 108 -7.13 30.44 19.08
N GLU D 109 -7.37 29.32 19.75
CA GLU D 109 -6.27 28.57 20.36
C GLU D 109 -5.38 27.88 19.32
N LYS D 110 -5.84 27.73 18.08
CA LYS D 110 -5.04 27.06 17.05
C LYS D 110 -4.56 28.02 15.96
N ARG D 111 -4.69 29.32 16.18
CA ARG D 111 -4.42 30.30 15.14
C ARG D 111 -2.93 30.52 14.96
N GLY D 112 -2.48 30.40 13.71
CA GLY D 112 -1.15 30.81 13.30
C GLY D 112 -1.21 31.98 12.32
N LYS D 113 -0.09 32.24 11.67
CA LYS D 113 -0.01 33.49 10.93
C LYS D 113 -0.34 33.40 9.45
N TYR D 114 -0.64 32.22 8.90
CA TYR D 114 -0.76 32.08 7.45
C TYR D 114 -2.23 31.94 7.05
N VAL D 115 -2.51 32.41 5.83
CA VAL D 115 -3.82 32.31 5.19
C VAL D 115 -3.65 31.35 4.02
N VAL D 116 -4.51 30.34 3.92
CA VAL D 116 -4.41 29.33 2.86
C VAL D 116 -5.69 29.30 2.06
N CYS D 117 -5.57 29.45 0.74
CA CYS D 117 -6.67 29.27 -0.20
C CYS D 117 -6.41 27.98 -0.97
N PHE D 118 -7.42 27.12 -1.06
CA PHE D 118 -7.18 25.85 -1.72
C PHE D 118 -8.42 25.35 -2.43
N ASP D 119 -8.17 24.55 -3.47
CA ASP D 119 -9.17 23.76 -4.17
C ASP D 119 -8.84 22.33 -3.83
N PRO D 120 -9.59 21.69 -2.93
CA PRO D 120 -9.13 20.40 -2.39
C PRO D 120 -9.14 19.27 -3.39
N LEU D 121 -10.07 19.24 -4.35
CA LEU D 121 -10.06 18.18 -5.37
C LEU D 121 -10.53 18.78 -6.70
N ASP D 122 -9.67 19.61 -7.27
CA ASP D 122 -9.91 20.21 -8.59
C ASP D 122 -10.06 19.13 -9.66
N GLY D 123 -11.04 19.32 -10.54
CA GLY D 123 -11.35 18.39 -11.61
C GLY D 123 -12.30 17.27 -11.22
N SER D 124 -12.73 17.21 -9.96
CA SER D 124 -13.48 16.06 -9.48
C SER D 124 -14.88 15.96 -10.08
N SER D 125 -15.41 17.01 -10.70
CA SER D 125 -16.76 16.90 -11.28
C SER D 125 -16.83 15.81 -12.34
N ASN D 126 -15.69 15.44 -12.94
CA ASN D 126 -15.62 14.38 -13.93
C ASN D 126 -14.83 13.17 -13.42
N ILE D 127 -14.70 13.03 -12.10
CA ILE D 127 -13.93 11.93 -11.53
C ILE D 127 -14.55 10.56 -11.78
N ASP D 128 -15.80 10.51 -12.22
CA ASP D 128 -16.42 9.24 -12.57
C ASP D 128 -15.74 8.57 -13.75
N CYS D 129 -15.02 9.31 -14.59
CA CYS D 129 -14.26 8.70 -15.67
C CYS D 129 -12.79 8.53 -15.33
N LEU D 130 -12.42 8.70 -14.06
CA LEU D 130 -11.05 8.49 -13.56
C LEU D 130 -10.05 9.46 -14.19
N VAL D 131 -10.53 10.63 -14.61
CA VAL D 131 -9.63 11.67 -15.07
C VAL D 131 -8.70 12.09 -13.93
N SER D 132 -7.48 12.49 -14.28
CA SER D 132 -6.59 13.13 -13.31
C SER D 132 -7.33 14.22 -12.55
N VAL D 133 -7.10 14.27 -11.25
CA VAL D 133 -7.59 15.34 -10.40
C VAL D 133 -6.42 15.85 -9.55
N GLY D 134 -6.68 16.91 -8.79
CA GLY D 134 -5.59 17.49 -8.04
C GLY D 134 -6.07 18.40 -6.93
N THR D 135 -5.10 18.76 -6.08
CA THR D 135 -5.29 19.70 -4.98
C THR D 135 -4.45 20.93 -5.27
N ILE D 136 -5.08 22.11 -5.28
CA ILE D 136 -4.38 23.37 -5.57
C ILE D 136 -4.39 24.20 -4.29
N PHE D 137 -3.26 24.85 -4.00
CA PHE D 137 -3.17 25.65 -2.78
C PHE D 137 -2.31 26.89 -2.97
N GLY D 138 -2.67 27.95 -2.23
CA GLY D 138 -1.88 29.16 -2.18
C GLY D 138 -1.77 29.65 -0.75
N ILE D 139 -0.58 30.02 -0.31
CA ILE D 139 -0.33 30.34 1.10
C ILE D 139 0.14 31.78 1.20
N TYR D 140 -0.60 32.58 1.97
CA TYR D 140 -0.30 33.96 2.25
C TYR D 140 0.02 34.13 3.73
N ARG D 141 0.81 35.16 4.02
CA ARG D 141 0.97 35.60 5.40
C ARG D 141 -0.14 36.58 5.72
N LYS D 142 -0.78 36.42 6.88
CA LYS D 142 -1.81 37.38 7.26
C LYS D 142 -1.16 38.75 7.42
N LYS D 143 -1.74 39.76 6.78
CA LYS D 143 -1.07 41.05 6.67
C LYS D 143 -1.48 42.04 7.75
N SER D 144 -2.71 41.98 8.27
CA SER D 144 -3.13 42.89 9.33
C SER D 144 -3.25 42.15 10.65
N THR D 145 -3.27 42.93 11.72
CA THR D 145 -3.49 42.45 13.07
C THR D 145 -4.95 42.43 13.46
N ASP D 146 -5.86 42.78 12.55
CA ASP D 146 -7.29 42.72 12.89
C ASP D 146 -7.70 41.29 13.18
N GLU D 147 -8.87 41.13 13.80
CA GLU D 147 -9.44 39.81 13.97
C GLU D 147 -9.51 39.12 12.60
N PRO D 148 -9.15 37.84 12.53
CA PRO D 148 -9.14 37.16 11.23
C PRO D 148 -10.53 37.16 10.62
N SER D 149 -10.57 37.37 9.31
CA SER D 149 -11.82 37.44 8.56
C SER D 149 -11.51 37.11 7.10
N GLU D 150 -12.56 37.07 6.27
CA GLU D 150 -12.39 36.80 4.84
C GLU D 150 -11.43 37.78 4.18
N LYS D 151 -11.41 39.03 4.65
CA LYS D 151 -10.58 40.03 4.01
C LYS D 151 -9.09 39.67 4.04
N ASP D 152 -8.66 38.84 4.99
CA ASP D 152 -7.26 38.45 5.04
C ASP D 152 -6.85 37.60 3.83
N ALA D 153 -7.80 36.99 3.14
CA ALA D 153 -7.48 36.21 1.95
C ALA D 153 -7.55 37.04 0.69
N LEU D 154 -8.02 38.28 0.78
CA LEU D 154 -8.18 39.17 -0.37
C LEU D 154 -6.87 39.92 -0.65
N GLN D 155 -5.82 39.16 -0.91
CA GLN D 155 -4.52 39.66 -1.28
C GLN D 155 -4.23 39.35 -2.74
N PRO D 156 -3.49 40.19 -3.45
CA PRO D 156 -3.10 39.82 -4.82
C PRO D 156 -2.11 38.67 -4.79
N GLY D 157 -2.13 37.86 -5.86
CA GLY D 157 -1.22 36.73 -5.94
C GLY D 157 0.24 37.08 -5.78
N ARG D 158 0.63 38.33 -6.09
CA ARG D 158 1.98 38.84 -5.81
C ARG D 158 2.42 38.62 -4.37
N ASN D 159 1.47 38.54 -3.44
CA ASN D 159 1.81 38.40 -2.03
C ASN D 159 2.03 36.96 -1.60
N LEU D 160 1.92 35.99 -2.51
CA LEU D 160 2.03 34.59 -2.11
C LEU D 160 3.40 34.30 -1.50
N VAL D 161 3.39 33.51 -0.44
CA VAL D 161 4.61 33.01 0.20
C VAL D 161 5.02 31.66 -0.39
N ALA D 162 4.03 30.85 -0.77
CA ALA D 162 4.24 29.55 -1.37
C ALA D 162 2.94 29.15 -2.03
N ALA D 163 3.05 28.36 -3.09
CA ALA D 163 1.86 27.88 -3.78
C ALA D 163 2.27 26.63 -4.54
N GLY D 164 1.28 25.86 -4.97
CA GLY D 164 1.55 24.71 -5.81
C GLY D 164 0.34 23.80 -5.86
N TYR D 165 0.61 22.53 -6.16
CA TYR D 165 -0.49 21.60 -6.34
C TYR D 165 0.01 20.19 -6.15
N ALA D 166 -0.91 19.30 -5.81
CA ALA D 166 -0.69 17.87 -5.92
C ALA D 166 -1.54 17.39 -7.08
N LEU D 167 -0.91 16.62 -7.97
CA LEU D 167 -1.57 15.99 -9.11
C LEU D 167 -1.71 14.51 -8.81
N TYR D 168 -2.95 14.03 -8.80
CA TYR D 168 -3.23 12.59 -8.68
C TYR D 168 -3.46 12.09 -10.10
N GLY D 169 -2.35 11.80 -10.79
CA GLY D 169 -2.40 11.30 -12.15
C GLY D 169 -1.94 9.86 -12.22
N SER D 170 -1.11 9.52 -13.21
CA SER D 170 -0.57 8.17 -13.25
C SER D 170 0.22 7.88 -11.98
N ALA D 171 0.92 8.88 -11.47
CA ALA D 171 1.48 8.87 -10.13
C ALA D 171 1.03 10.14 -9.41
N THR D 172 1.30 10.23 -8.12
CA THR D 172 0.97 11.43 -7.36
C THR D 172 2.22 12.27 -7.19
N MET D 173 2.15 13.53 -7.57
CA MET D 173 3.29 14.44 -7.48
C MET D 173 2.86 15.73 -6.82
N LEU D 174 3.71 16.25 -5.95
CA LEU D 174 3.51 17.56 -5.37
C LEU D 174 4.48 18.55 -6.02
N VAL D 175 3.95 19.64 -6.54
CA VAL D 175 4.76 20.69 -7.13
C VAL D 175 4.71 21.88 -6.19
N LEU D 176 5.86 22.27 -5.65
CA LEU D 176 5.93 23.32 -4.64
C LEU D 176 6.75 24.48 -5.16
N ALA D 177 6.10 25.66 -5.26
CA ALA D 177 6.75 26.86 -5.72
C ALA D 177 6.92 27.81 -4.54
N MET D 178 8.12 28.36 -4.41
CA MET D 178 8.44 29.37 -3.40
C MET D 178 9.44 30.33 -4.03
N ASP D 179 9.99 31.23 -3.20
CA ASP D 179 11.00 32.15 -3.69
C ASP D 179 12.20 31.42 -4.28
N CYS D 180 12.56 30.27 -3.72
CA CYS D 180 13.72 29.54 -4.22
C CYS D 180 13.47 28.87 -5.58
N GLY D 181 12.25 28.90 -6.12
CA GLY D 181 11.94 28.28 -7.39
C GLY D 181 10.88 27.20 -7.25
N VAL D 182 10.75 26.39 -8.29
CA VAL D 182 9.73 25.34 -8.35
C VAL D 182 10.40 23.98 -8.19
N ASN D 183 9.90 23.17 -7.26
CA ASN D 183 10.47 21.84 -7.03
C ASN D 183 9.35 20.80 -7.02
N CYS D 184 9.64 19.64 -7.63
CA CYS D 184 8.64 18.60 -7.86
C CYS D 184 8.99 17.36 -7.05
N PHE D 185 8.01 16.86 -6.30
CA PHE D 185 8.23 15.74 -5.39
C PHE D 185 7.28 14.60 -5.77
N MET D 186 7.85 13.43 -6.03
CA MET D 186 7.05 12.24 -6.32
C MET D 186 6.68 11.52 -5.03
N LEU D 187 5.38 11.23 -4.86
CA LEU D 187 4.95 10.42 -3.72
C LEU D 187 5.33 8.96 -3.95
N ASP D 188 6.13 8.41 -3.04
CA ASP D 188 6.40 6.98 -3.02
C ASP D 188 5.38 6.37 -2.06
N PRO D 189 4.28 5.80 -2.56
CA PRO D 189 3.25 5.25 -1.67
C PRO D 189 3.70 4.03 -0.89
N ALA D 190 4.83 3.41 -1.24
CA ALA D 190 5.35 2.33 -0.42
C ALA D 190 5.70 2.81 0.98
N ILE D 191 6.13 4.07 1.12
CA ILE D 191 6.60 4.60 2.39
C ILE D 191 5.98 5.94 2.75
N GLY D 192 5.07 6.48 1.92
CA GLY D 192 4.48 7.77 2.23
C GLY D 192 5.48 8.90 2.33
N GLU D 193 6.38 9.00 1.35
CA GLU D 193 7.35 10.08 1.30
C GLU D 193 7.29 10.75 -0.05
N PHE D 194 7.35 12.08 -0.05
CA PHE D 194 7.48 12.87 -1.27
C PHE D 194 8.95 13.02 -1.58
N ILE D 195 9.40 12.42 -2.67
CA ILE D 195 10.82 12.36 -3.02
C ILE D 195 11.12 13.44 -4.06
N LEU D 196 12.13 14.27 -3.79
CA LEU D 196 12.52 15.30 -4.74
C LEU D 196 13.08 14.67 -6.02
N VAL D 197 12.41 14.90 -7.15
CA VAL D 197 12.84 14.28 -8.40
C VAL D 197 13.15 15.30 -9.49
N ASP D 198 12.71 16.55 -9.34
CA ASP D 198 12.95 17.62 -10.31
C ASP D 198 13.23 18.89 -9.52
N LYS D 199 14.44 19.41 -9.60
CA LYS D 199 14.85 20.56 -8.78
C LYS D 199 14.80 21.84 -9.61
N ASP D 200 14.29 22.91 -9.00
CA ASP D 200 14.36 24.24 -9.60
C ASP D 200 13.97 24.22 -11.08
N VAL D 201 12.77 23.70 -11.35
CA VAL D 201 12.37 23.45 -12.73
C VAL D 201 12.02 24.78 -13.42
N LYS D 202 12.33 24.84 -14.71
CA LYS D 202 12.02 25.99 -15.56
C LYS D 202 11.22 25.52 -16.78
N ILE D 203 10.27 26.31 -17.17
CA ILE D 203 9.45 25.99 -18.34
C ILE D 203 10.20 26.41 -19.60
N LYS D 204 9.95 25.68 -20.70
CA LYS D 204 10.49 26.06 -22.01
C LYS D 204 10.06 27.47 -22.39
N LYS D 205 10.96 28.18 -23.08
CA LYS D 205 10.65 29.52 -23.56
C LYS D 205 9.48 29.52 -24.55
N LYS D 206 9.35 28.47 -25.35
CA LYS D 206 8.26 28.36 -26.32
C LYS D 206 7.90 26.89 -26.49
N GLY D 207 6.61 26.60 -26.55
CA GLY D 207 6.13 25.25 -26.66
C GLY D 207 5.50 24.93 -28.02
N LYS D 208 4.87 23.77 -28.07
CA LYS D 208 4.24 23.26 -29.29
C LYS D 208 2.88 22.64 -29.00
N ILE D 209 2.25 22.99 -27.88
CA ILE D 209 0.94 22.46 -27.50
C ILE D 209 0.07 23.61 -27.06
N TYR D 210 -1.17 23.62 -27.53
CA TYR D 210 -2.16 24.55 -26.99
C TYR D 210 -3.28 23.76 -26.33
N SER D 211 -3.87 24.34 -25.30
CA SER D 211 -4.81 23.62 -24.43
C SER D 211 -5.97 24.52 -24.05
N LEU D 212 -7.16 24.22 -24.57
CA LEU D 212 -8.40 24.89 -24.20
C LEU D 212 -9.56 24.09 -24.76
N ASN D 213 -10.76 24.37 -24.24
CA ASN D 213 -11.97 23.67 -24.70
C ASN D 213 -12.44 24.30 -26.01
N GLU D 214 -12.11 23.68 -27.14
CA GLU D 214 -12.55 24.24 -28.42
C GLU D 214 -13.99 23.93 -28.76
N GLY D 215 -14.68 23.12 -27.97
CA GLY D 215 -16.09 22.88 -28.24
C GLY D 215 -16.92 24.14 -28.16
N TYR D 216 -16.50 25.11 -27.35
CA TYR D 216 -17.23 26.35 -27.19
C TYR D 216 -16.69 27.46 -28.08
N ALA D 217 -16.15 27.07 -29.24
CA ALA D 217 -15.55 28.01 -30.19
C ALA D 217 -16.50 29.11 -30.61
N LYS D 218 -17.81 28.83 -30.66
CA LYS D 218 -18.76 29.85 -31.09
C LYS D 218 -18.83 31.02 -30.12
N ASP D 219 -18.43 30.81 -28.87
CA ASP D 219 -18.41 31.86 -27.86
C ASP D 219 -17.05 32.52 -27.72
N PHE D 220 -16.03 32.05 -28.45
CA PHE D 220 -14.70 32.63 -28.31
C PHE D 220 -14.72 34.13 -28.54
N ASP D 221 -13.90 34.84 -27.77
CA ASP D 221 -13.55 36.19 -28.13
C ASP D 221 -12.82 36.13 -29.48
N PRO D 222 -12.98 37.15 -30.33
CA PRO D 222 -12.36 37.07 -31.67
C PRO D 222 -10.85 36.88 -31.61
N ALA D 223 -10.19 37.43 -30.59
CA ALA D 223 -8.75 37.24 -30.46
C ALA D 223 -8.39 35.79 -30.20
N VAL D 224 -9.17 35.11 -29.36
CA VAL D 224 -8.91 33.69 -29.10
C VAL D 224 -9.06 32.88 -30.39
N THR D 225 -10.12 33.16 -31.15
CA THR D 225 -10.35 32.51 -32.43
C THR D 225 -9.13 32.66 -33.34
N GLU D 226 -8.61 33.89 -33.46
CA GLU D 226 -7.47 34.12 -34.35
C GLU D 226 -6.22 33.44 -33.83
N TYR D 227 -5.95 33.53 -32.52
CA TYR D 227 -4.75 32.90 -31.97
C TYR D 227 -4.76 31.39 -32.20
N ILE D 228 -5.90 30.74 -31.96
CA ILE D 228 -5.95 29.29 -32.14
C ILE D 228 -5.91 28.94 -33.63
N GLN D 229 -6.50 29.76 -34.50
CA GLN D 229 -6.35 29.56 -35.94
C GLN D 229 -4.88 29.55 -36.33
N ARG D 230 -4.08 30.46 -35.76
CA ARG D 230 -2.66 30.50 -36.07
C ARG D 230 -1.90 29.31 -35.54
N LYS D 231 -2.38 28.69 -34.45
CA LYS D 231 -1.71 27.51 -33.95
C LYS D 231 -1.96 26.32 -34.87
N LYS D 232 -3.15 26.22 -35.46
CA LYS D 232 -3.46 25.13 -36.37
C LYS D 232 -2.99 25.41 -37.80
N PHE D 233 -3.06 26.67 -38.22
CA PHE D 233 -2.73 27.09 -39.58
C PHE D 233 -1.67 28.18 -39.50
N PRO D 234 -0.42 27.81 -39.23
CA PRO D 234 0.66 28.79 -39.07
C PRO D 234 0.89 29.55 -40.36
N PRO D 235 1.04 30.88 -40.30
CA PRO D 235 1.18 31.65 -41.55
C PRO D 235 2.51 31.40 -42.26
N ASP D 236 3.49 30.80 -41.59
CA ASP D 236 4.79 30.52 -42.18
C ASP D 236 4.90 29.02 -42.49
N ASN D 237 6.11 28.47 -42.38
CA ASN D 237 6.34 27.05 -42.60
C ASN D 237 6.53 26.28 -41.32
N SER D 238 6.11 26.81 -40.16
CA SER D 238 6.24 26.00 -38.97
C SER D 238 5.16 24.92 -38.90
N ALA D 239 5.43 23.94 -38.09
CA ALA D 239 4.44 22.91 -37.90
C ALA D 239 3.30 23.44 -37.00
N PRO D 240 2.07 23.01 -37.25
CA PRO D 240 0.99 23.36 -36.32
C PRO D 240 1.25 22.77 -34.93
N TYR D 241 0.78 23.50 -33.92
CA TYR D 241 0.84 22.99 -32.55
C TYR D 241 -0.05 21.76 -32.41
N GLY D 242 0.34 20.84 -31.50
CA GLY D 242 -0.58 19.82 -31.05
C GLY D 242 -1.60 20.39 -30.07
N ALA D 243 -2.75 19.72 -29.96
CA ALA D 243 -3.81 20.08 -29.01
C ALA D 243 -3.99 19.00 -27.96
N ARG D 244 -4.11 19.42 -26.70
CA ARG D 244 -4.42 18.54 -25.58
C ARG D 244 -5.33 19.32 -24.64
N TYR D 245 -6.40 18.67 -24.17
CA TYR D 245 -7.26 19.33 -23.19
C TYR D 245 -7.88 18.23 -22.33
N VAL D 246 -7.33 18.05 -21.14
CA VAL D 246 -7.82 17.06 -20.20
C VAL D 246 -9.15 17.50 -19.59
N GLY D 247 -9.34 18.80 -19.39
CA GLY D 247 -10.49 19.29 -18.67
C GLY D 247 -10.31 19.30 -17.17
N SER D 248 -9.10 19.01 -16.69
CA SER D 248 -8.73 19.10 -15.29
C SER D 248 -7.55 20.04 -15.21
N MET D 249 -7.74 21.16 -14.51
CA MET D 249 -6.75 22.23 -14.60
C MET D 249 -5.38 21.77 -14.16
N VAL D 250 -5.30 21.00 -13.07
CA VAL D 250 -4.00 20.56 -12.57
C VAL D 250 -3.28 19.71 -13.61
N ALA D 251 -4.00 18.79 -14.27
CA ALA D 251 -3.36 17.97 -15.29
C ALA D 251 -2.89 18.82 -16.45
N ASP D 252 -3.72 19.75 -16.90
CA ASP D 252 -3.35 20.54 -18.06
C ASP D 252 -2.21 21.50 -17.75
N VAL D 253 -2.26 22.14 -16.57
CA VAL D 253 -1.19 23.06 -16.24
C VAL D 253 0.13 22.30 -16.02
N HIS D 254 0.07 21.13 -15.38
CA HIS D 254 1.31 20.39 -15.16
C HIS D 254 1.93 19.94 -16.48
N ARG D 255 1.12 19.45 -17.42
CA ARG D 255 1.65 19.19 -18.76
C ARG D 255 2.26 20.45 -19.35
N THR D 256 1.58 21.59 -19.20
CA THR D 256 2.16 22.84 -19.69
C THR D 256 3.51 23.11 -19.05
N LEU D 257 3.64 22.86 -17.75
CA LEU D 257 4.92 23.07 -17.08
C LEU D 257 6.01 22.15 -17.63
N VAL D 258 5.68 20.88 -17.85
CA VAL D 258 6.69 19.89 -18.20
C VAL D 258 7.07 20.00 -19.66
N TYR D 259 6.09 20.21 -20.54
CA TYR D 259 6.31 20.20 -21.98
C TYR D 259 6.40 21.57 -22.61
N GLY D 260 6.00 22.63 -21.90
CA GLY D 260 5.90 23.93 -22.53
C GLY D 260 4.59 24.06 -23.27
N GLY D 261 4.36 25.26 -23.80
CA GLY D 261 3.12 25.51 -24.51
C GLY D 261 2.21 26.50 -23.80
N ILE D 262 0.91 26.43 -24.05
CA ILE D 262 -0.02 27.43 -23.56
C ILE D 262 -1.32 26.78 -23.13
N PHE D 263 -1.87 27.28 -22.03
CA PHE D 263 -3.15 26.84 -21.49
C PHE D 263 -4.06 28.04 -21.41
N LEU D 264 -5.29 27.91 -21.89
CA LEU D 264 -6.19 29.06 -21.93
C LEU D 264 -7.53 28.71 -21.33
N TYR D 265 -8.00 29.53 -20.39
CA TYR D 265 -9.41 29.55 -20.00
C TYR D 265 -9.76 31.02 -20.01
N PRO D 266 -10.02 31.59 -21.19
CA PRO D 266 -10.13 33.03 -21.33
C PRO D 266 -11.53 33.58 -21.10
N ALA D 267 -11.58 34.90 -20.96
CA ALA D 267 -12.84 35.62 -20.90
C ALA D 267 -13.52 35.62 -22.26
N ASN D 268 -14.85 35.72 -22.24
CA ASN D 268 -15.66 36.01 -23.42
C ASN D 268 -16.80 36.91 -23.03
N LYS D 269 -17.71 37.20 -23.96
CA LYS D 269 -18.78 38.13 -23.67
C LYS D 269 -19.79 37.54 -22.68
N LYS D 270 -20.00 36.23 -22.74
CA LYS D 270 -20.88 35.55 -21.78
C LYS D 270 -20.23 35.38 -20.42
N SER D 271 -18.90 35.36 -20.37
CA SER D 271 -18.14 35.17 -19.13
C SER D 271 -17.00 36.17 -19.15
N PRO D 272 -17.29 37.44 -18.89
CA PRO D 272 -16.25 38.48 -19.03
C PRO D 272 -15.14 38.36 -17.99
N ASN D 273 -15.33 37.59 -16.93
CA ASN D 273 -14.27 37.37 -15.95
C ASN D 273 -13.72 35.95 -16.02
N GLY D 274 -13.93 35.25 -17.14
CA GLY D 274 -13.50 33.87 -17.14
C GLY D 274 -14.41 33.02 -16.27
N LYS D 275 -14.03 31.75 -16.12
CA LYS D 275 -14.76 30.83 -15.25
C LYS D 275 -13.94 30.26 -14.10
N LEU D 276 -12.63 30.09 -14.25
CA LEU D 276 -11.81 29.58 -13.16
C LEU D 276 -11.71 30.62 -12.04
N ARG D 277 -11.47 30.14 -10.81
CA ARG D 277 -11.50 30.98 -9.61
C ARG D 277 -10.11 31.53 -9.27
N LEU D 278 -10.03 32.84 -9.04
CA LEU D 278 -8.74 33.51 -8.87
C LEU D 278 -7.97 32.98 -7.67
N LEU D 279 -8.62 32.90 -6.50
CA LEU D 279 -7.87 32.74 -5.25
C LEU D 279 -7.20 31.37 -5.16
N TYR D 280 -7.87 30.32 -5.61
CA TYR D 280 -7.37 28.96 -5.38
C TYR D 280 -7.25 28.16 -6.66
N GLU D 281 -7.35 28.79 -7.83
CA GLU D 281 -6.98 28.11 -9.06
C GLU D 281 -5.97 28.97 -9.82
N CYS D 282 -6.37 30.20 -10.16
CA CYS D 282 -5.56 31.00 -11.08
C CYS D 282 -4.28 31.50 -10.41
N ASN D 283 -4.40 32.13 -9.24
CA ASN D 283 -3.21 32.63 -8.55
C ASN D 283 -2.17 31.55 -8.28
N PRO D 284 -2.50 30.42 -7.65
CA PRO D 284 -1.46 29.40 -7.42
C PRO D 284 -0.79 28.94 -8.70
N MET D 285 -1.55 28.72 -9.76
CA MET D 285 -0.94 28.30 -11.02
C MET D 285 -0.14 29.44 -11.65
N ALA D 286 -0.65 30.68 -11.56
CA ALA D 286 0.12 31.83 -12.02
C ALA D 286 1.43 31.96 -11.26
N TYR D 287 1.42 31.67 -9.95
CA TYR D 287 2.64 31.78 -9.15
C TYR D 287 3.65 30.69 -9.50
N VAL D 288 3.18 29.45 -9.65
CA VAL D 288 4.06 28.38 -10.11
C VAL D 288 4.69 28.77 -11.44
N MET D 289 3.86 29.25 -12.37
CA MET D 289 4.35 29.59 -13.70
C MET D 289 5.44 30.65 -13.63
N GLU D 290 5.22 31.74 -12.90
CA GLU D 290 6.22 32.81 -12.87
C GLU D 290 7.50 32.35 -12.22
N LYS D 291 7.40 31.53 -11.18
CA LYS D 291 8.62 31.01 -10.55
C LYS D 291 9.37 30.04 -11.47
N ALA D 292 8.70 29.43 -12.45
CA ALA D 292 9.36 28.59 -13.44
C ALA D 292 9.78 29.35 -14.70
N GLY D 293 9.66 30.68 -14.70
CA GLY D 293 10.00 31.48 -15.88
C GLY D 293 8.90 31.58 -16.93
N GLY D 294 7.66 31.23 -16.58
CA GLY D 294 6.53 31.37 -17.47
C GLY D 294 5.72 32.62 -17.18
N MET D 295 4.57 32.68 -17.82
CA MET D 295 3.71 33.85 -17.67
C MET D 295 2.29 33.38 -17.41
N ALA D 296 1.50 34.28 -16.83
CA ALA D 296 0.09 34.03 -16.61
C ALA D 296 -0.63 35.36 -16.63
N THR D 297 -1.54 35.52 -17.59
CA THR D 297 -2.21 36.78 -17.85
C THR D 297 -3.71 36.55 -17.87
N THR D 298 -4.45 37.59 -17.50
CA THR D 298 -5.88 37.59 -17.79
C THR D 298 -6.16 38.08 -19.20
N GLY D 299 -5.14 38.56 -19.91
CA GLY D 299 -5.40 39.28 -21.14
C GLY D 299 -5.17 40.76 -20.94
N LYS D 300 -5.61 41.31 -19.81
CA LYS D 300 -5.42 42.72 -19.51
C LYS D 300 -4.30 42.98 -18.51
N GLU D 301 -3.94 42.02 -17.67
CA GLU D 301 -2.90 42.21 -16.68
C GLU D 301 -2.40 40.84 -16.21
N ALA D 302 -1.32 40.85 -15.46
CA ALA D 302 -0.85 39.63 -14.84
C ALA D 302 -1.87 39.16 -13.80
N VAL D 303 -2.20 37.86 -13.83
CA VAL D 303 -3.09 37.26 -12.84
C VAL D 303 -2.66 37.67 -11.44
N LEU D 304 -1.35 37.58 -11.16
CA LEU D 304 -0.84 37.85 -9.82
C LEU D 304 -1.01 39.30 -9.40
N ASP D 305 -1.35 40.21 -10.32
CA ASP D 305 -1.58 41.61 -9.96
C ASP D 305 -3.05 41.94 -9.73
N VAL D 306 -3.97 41.03 -10.03
CA VAL D 306 -5.37 41.28 -9.75
C VAL D 306 -5.57 41.40 -8.25
N ILE D 307 -6.23 42.47 -7.83
CA ILE D 307 -6.56 42.65 -6.41
C ILE D 307 -7.97 42.15 -6.20
N PRO D 308 -8.17 41.06 -5.47
CA PRO D 308 -9.49 40.45 -5.36
C PRO D 308 -10.40 41.24 -4.43
N THR D 309 -11.70 41.18 -4.73
CA THR D 309 -12.74 41.74 -3.85
C THR D 309 -13.72 40.70 -3.33
N ASP D 310 -13.66 39.46 -3.82
CA ASP D 310 -14.55 38.35 -3.47
C ASP D 310 -13.73 37.07 -3.43
N ILE D 311 -13.85 36.29 -2.35
CA ILE D 311 -12.98 35.12 -2.22
C ILE D 311 -13.26 34.09 -3.30
N HIS D 312 -14.44 34.13 -3.92
CA HIS D 312 -14.79 33.19 -4.98
C HIS D 312 -14.82 33.86 -6.36
N GLN D 313 -14.19 35.00 -6.52
CA GLN D 313 -14.31 35.69 -7.79
C GLN D 313 -13.54 34.95 -8.87
N ARG D 314 -14.02 35.08 -10.09
CA ARG D 314 -13.43 34.43 -11.25
C ARG D 314 -12.37 35.32 -11.88
N ALA D 315 -11.47 34.70 -12.65
CA ALA D 315 -10.49 35.44 -13.43
C ALA D 315 -10.21 34.68 -14.72
N PRO D 316 -10.02 35.36 -15.84
CA PRO D 316 -9.49 34.68 -17.02
C PRO D 316 -8.03 34.35 -16.81
N VAL D 317 -7.57 33.28 -17.45
CA VAL D 317 -6.18 32.89 -17.29
C VAL D 317 -5.66 32.31 -18.61
N ILE D 318 -4.51 32.82 -19.03
CA ILE D 318 -3.74 32.31 -20.14
C ILE D 318 -2.32 32.20 -19.63
N LEU D 319 -1.76 30.99 -19.63
CA LEU D 319 -0.48 30.78 -18.96
C LEU D 319 0.38 29.78 -19.73
N GLY D 320 1.67 29.78 -19.39
CA GLY D 320 2.56 28.83 -20.00
C GLY D 320 3.87 29.44 -20.46
N SER D 321 4.42 28.91 -21.56
CA SER D 321 5.72 29.37 -22.04
C SER D 321 5.65 30.85 -22.39
N PRO D 322 6.68 31.63 -22.02
CA PRO D 322 6.57 33.08 -22.17
C PRO D 322 6.41 33.53 -23.61
N ASP D 323 7.14 32.91 -24.55
CA ASP D 323 6.97 33.27 -25.95
C ASP D 323 5.54 33.05 -26.41
N ASP D 324 4.91 31.97 -25.92
CA ASP D 324 3.54 31.68 -26.33
C ASP D 324 2.55 32.66 -25.72
N VAL D 325 2.69 32.91 -24.42
CA VAL D 325 1.81 33.87 -23.75
C VAL D 325 1.97 35.24 -24.40
N LEU D 326 3.21 35.66 -24.68
CA LEU D 326 3.40 36.96 -25.33
C LEU D 326 2.77 37.01 -26.72
N GLU D 327 2.86 35.90 -27.47
CA GLU D 327 2.19 35.85 -28.78
C GLU D 327 0.69 35.98 -28.63
N PHE D 328 0.11 35.31 -27.64
CA PHE D 328 -1.32 35.48 -27.41
C PHE D 328 -1.65 36.94 -27.13
N LEU D 329 -0.83 37.59 -26.32
CA LEU D 329 -1.10 38.97 -25.97
C LEU D 329 -1.01 39.88 -27.18
N LYS D 330 -0.12 39.57 -28.14
CA LYS D 330 -0.07 40.32 -29.39
C LYS D 330 -1.38 40.23 -30.15
N VAL D 331 -1.91 39.02 -30.31
CA VAL D 331 -3.20 38.87 -30.99
C VAL D 331 -4.30 39.54 -30.19
N TYR D 332 -4.25 39.38 -28.86
CA TYR D 332 -5.27 39.96 -28.01
C TYR D 332 -5.28 41.48 -28.11
N GLU D 333 -4.10 42.11 -28.05
CA GLU D 333 -3.99 43.55 -28.22
C GLU D 333 -4.53 43.99 -29.58
N LYS D 334 -4.35 43.16 -30.59
CA LYS D 334 -4.80 43.48 -31.94
C LYS D 334 -6.31 43.68 -32.01
N HIS D 335 -7.08 42.93 -31.24
CA HIS D 335 -8.53 43.08 -31.21
C HIS D 335 -9.04 43.99 -30.10
N SER D 336 -8.18 44.80 -29.48
CA SER D 336 -8.66 45.65 -28.39
C SER D 336 -8.74 47.12 -28.79
#